data_9C24
#
_entry.id   9C24
#
_cell.length_a   77.794
_cell.length_b   96.459
_cell.length_c   188.671
_cell.angle_alpha   90.00
_cell.angle_beta   90.00
_cell.angle_gamma   90.00
#
_symmetry.space_group_name_H-M   'P 21 21 21'
#
loop_
_entity.id
_entity.type
_entity.pdbx_description
1 polymer 'F946 Fab Heavy Chain'
2 polymer 'F946 Fab Light Chain'
3 polymer 'Outer surface protein C'
4 water water
#
loop_
_entity_poly.entity_id
_entity_poly.type
_entity_poly.pdbx_seq_one_letter_code
_entity_poly.pdbx_strand_id
1 'polypeptide(L)'
;QVQLQESGPGLVKPSGTLSLTCTVSGASISVGNWWSWVRQPPGKGLEWIGEFYHSGKTNYNPSLKSRVTISVDKSKNQFS
LKLSSVTAADTAVYYCARSDLLTGYFPYYFDYWGQGTLVTVSSASTKGPSVFPLAPSSKSTSGGTAALGCLVKDYFPEPV
TVSWNSGALTSGVHTFPAVLQSSGLYSLSSVVTVPSSSLGTQTYICNVNHKPSNTKVDKRVEPKSCDKTH
;
H,A
2 'polypeptide(L)'
;DIQLTQSPSFLSASVGDRVTITCRASQGISSYLAWYQQKPGKAPKLLIYAASTLQSGVPSRFSGSGSGTEFTLTISSLQP
EDFATYYCQRLNSYPYTFGQGTKLEIKRTVAAPSVFIFPPSDEQLKSGTASVVCLLNNFYPREAKVQWKVDNALQSGNSQ
ESVTEQDSKDSTYSLSSTLTLSKADYEKHKVYACEVTHQGLSSPVTKSFNRGEC
;
L,B
3 'polypeptide(L)'
;KGPNLTEISKKITDSNAVLLAVKEVEALLSSIDELAKAIGKKIKNDGSLGDEANHNESLLAGAYTISTLITQKLSKLNGS
EGLKEKIAAAKKCSEEFSTKLKDNHAQLGIQGVTDENAKKAILKANAAGKDKGVEELEKLSGSLESLSKAAKEMLANSVK
ELTSP
;
C,D
#
# COMPACT_ATOMS: atom_id res chain seq x y z
N GLN A 1 -26.62 12.35 -7.42
CA GLN A 1 -28.06 12.12 -7.30
C GLN A 1 -28.33 10.65 -7.64
N VAL A 2 -27.52 9.77 -7.05
CA VAL A 2 -27.39 8.39 -7.53
C VAL A 2 -28.68 7.62 -7.33
N GLN A 3 -29.07 6.87 -8.37
CA GLN A 3 -30.25 6.02 -8.34
C GLN A 3 -29.94 4.76 -9.13
N LEU A 4 -30.53 3.65 -8.71
CA LEU A 4 -30.33 2.35 -9.36
C LEU A 4 -31.69 1.68 -9.51
N GLN A 5 -31.91 1.06 -10.66
CA GLN A 5 -33.19 0.41 -10.95
C GLN A 5 -32.93 -0.92 -11.65
N GLU A 6 -33.52 -1.98 -11.10
CA GLU A 6 -33.48 -3.31 -11.70
C GLU A 6 -34.73 -3.54 -12.54
N SER A 7 -34.60 -4.44 -13.52
CA SER A 7 -35.70 -4.73 -14.42
C SER A 7 -35.40 -6.03 -15.16
N GLY A 8 -36.43 -6.84 -15.35
CA GLY A 8 -36.31 -8.07 -16.11
C GLY A 8 -37.41 -9.05 -15.77
N PRO A 9 -37.40 -10.20 -16.44
CA PRO A 9 -38.43 -11.23 -16.19
C PRO A 9 -38.43 -11.68 -14.75
N GLY A 10 -39.55 -11.44 -14.07
CA GLY A 10 -39.74 -11.94 -12.73
C GLY A 10 -40.08 -13.41 -12.63
N LEU A 11 -40.19 -14.10 -13.77
CA LEU A 11 -40.45 -15.53 -13.81
C LEU A 11 -39.43 -16.19 -14.73
N VAL A 12 -38.81 -17.27 -14.25
CA VAL A 12 -37.85 -18.03 -15.03
C VAL A 12 -38.13 -19.51 -14.82
N LYS A 13 -38.06 -20.29 -15.90
CA LYS A 13 -38.32 -21.72 -15.83
C LYS A 13 -37.05 -22.46 -15.39
N PRO A 14 -37.23 -23.57 -14.66
CA PRO A 14 -36.06 -24.33 -14.18
C PRO A 14 -35.14 -24.74 -15.32
N SER A 15 -33.84 -24.61 -15.07
CA SER A 15 -32.73 -24.92 -15.98
C SER A 15 -32.56 -23.86 -17.07
N GLY A 16 -33.30 -22.75 -16.98
CA GLY A 16 -33.13 -21.66 -17.91
C GLY A 16 -32.08 -20.65 -17.44
N THR A 17 -31.93 -19.59 -18.24
CA THR A 17 -31.00 -18.51 -17.93
C THR A 17 -31.76 -17.31 -17.39
N LEU A 18 -31.28 -16.77 -16.27
CA LEU A 18 -31.92 -15.65 -15.60
C LEU A 18 -31.23 -14.36 -16.02
N SER A 19 -32.02 -13.39 -16.51
CA SER A 19 -31.49 -12.12 -17.01
C SER A 19 -32.08 -10.96 -16.24
N LEU A 20 -31.22 -10.06 -15.77
CA LEU A 20 -31.65 -8.80 -15.19
C LEU A 20 -30.74 -7.68 -15.70
N THR A 21 -31.26 -6.46 -15.67
CA THR A 21 -30.49 -5.27 -16.04
C THR A 21 -30.66 -4.19 -14.98
N CYS A 22 -29.57 -3.50 -14.68
CA CYS A 22 -29.58 -2.34 -13.78
C CYS A 22 -29.36 -1.07 -14.59
N THR A 23 -30.21 -0.07 -14.37
CA THR A 23 -30.11 1.21 -15.05
C THR A 23 -29.75 2.29 -14.03
N VAL A 24 -28.69 3.04 -14.31
CA VAL A 24 -28.09 3.95 -13.34
C VAL A 24 -28.32 5.38 -13.80
N SER A 25 -29.16 6.11 -13.08
CA SER A 25 -29.23 7.55 -13.18
C SER A 25 -28.42 8.18 -12.04
N GLY A 26 -27.92 9.39 -12.28
CA GLY A 26 -27.19 10.12 -11.28
C GLY A 26 -25.75 9.69 -11.09
N ALA A 27 -25.26 8.75 -11.89
CA ALA A 27 -23.86 8.33 -11.82
C ALA A 27 -23.48 7.74 -13.17
N SER A 28 -22.19 7.42 -13.31
CA SER A 28 -21.65 6.86 -14.54
C SER A 28 -20.79 5.66 -14.19
N ILE A 29 -21.24 4.46 -14.56
CA ILE A 29 -20.45 3.25 -14.34
C ILE A 29 -19.13 3.31 -15.07
N SER A 30 -19.01 4.19 -16.07
CA SER A 30 -17.76 4.35 -16.81
C SER A 30 -16.72 5.16 -16.02
N VAL A 31 -17.17 6.05 -15.14
CA VAL A 31 -16.25 6.97 -14.50
C VAL A 31 -15.58 6.35 -13.28
N GLY A 32 -16.26 5.44 -12.59
CA GLY A 32 -15.63 4.77 -11.46
C GLY A 32 -16.65 4.05 -10.60
N ASN A 33 -16.25 3.79 -9.36
CA ASN A 33 -16.97 2.95 -8.40
C ASN A 33 -17.03 1.51 -8.86
N TRP A 34 -17.23 0.59 -7.92
CA TRP A 34 -17.51 -0.80 -8.24
C TRP A 34 -19.02 -1.01 -8.25
N TRP A 35 -19.48 -1.90 -9.11
CA TRP A 35 -20.90 -2.18 -9.26
C TRP A 35 -21.12 -3.67 -9.17
N SER A 36 -22.15 -4.06 -8.43
CA SER A 36 -22.31 -5.44 -7.98
C SER A 36 -23.77 -5.86 -8.05
N TRP A 37 -23.97 -7.17 -8.02
CA TRP A 37 -25.29 -7.75 -7.85
C TRP A 37 -25.34 -8.49 -6.52
N VAL A 38 -26.44 -8.31 -5.79
CA VAL A 38 -26.66 -9.01 -4.53
C VAL A 38 -28.05 -9.64 -4.61
N ARG A 39 -28.24 -10.73 -3.89
CA ARG A 39 -29.48 -11.49 -3.96
C ARG A 39 -29.92 -11.89 -2.56
N GLN A 40 -31.23 -11.87 -2.33
CA GLN A 40 -31.80 -12.27 -1.05
C GLN A 40 -33.03 -13.12 -1.26
N PRO A 41 -32.96 -14.43 -1.02
CA PRO A 41 -34.17 -15.26 -1.04
C PRO A 41 -35.14 -14.80 0.03
N PRO A 42 -36.45 -14.84 -0.25
CA PRO A 42 -37.42 -14.36 0.75
C PRO A 42 -37.28 -15.11 2.07
N GLY A 43 -37.36 -14.36 3.17
CA GLY A 43 -37.20 -14.91 4.50
C GLY A 43 -35.78 -15.29 4.87
N LYS A 44 -34.84 -15.11 3.96
CA LYS A 44 -33.43 -15.49 4.14
C LYS A 44 -32.55 -14.25 4.14
N GLY A 45 -31.24 -14.48 4.20
CA GLY A 45 -30.27 -13.41 4.27
C GLY A 45 -29.66 -13.09 2.91
N LEU A 46 -28.62 -12.27 2.94
CA LEU A 46 -28.08 -11.63 1.75
C LEU A 46 -26.86 -12.38 1.23
N GLU A 47 -26.83 -12.62 -0.08
CA GLU A 47 -25.73 -13.30 -0.75
C GLU A 47 -25.21 -12.43 -1.89
N TRP A 48 -23.89 -12.23 -1.91
CA TRP A 48 -23.24 -11.43 -2.94
C TRP A 48 -22.91 -12.31 -4.13
N ILE A 49 -23.04 -11.76 -5.34
CA ILE A 49 -22.94 -12.52 -6.59
C ILE A 49 -21.66 -12.20 -7.34
N GLY A 50 -21.44 -10.92 -7.63
CA GLY A 50 -20.23 -10.53 -8.36
C GLY A 50 -20.18 -9.03 -8.48
N GLU A 51 -19.01 -8.55 -8.92
CA GLU A 51 -18.75 -7.13 -9.02
C GLU A 51 -17.89 -6.86 -10.25
N PHE A 52 -17.94 -5.62 -10.74
CA PHE A 52 -17.06 -5.19 -11.82
C PHE A 52 -16.65 -3.74 -11.61
N TYR A 53 -15.50 -3.40 -12.21
CA TYR A 53 -15.00 -2.03 -12.29
C TYR A 53 -14.82 -1.68 -13.77
N HIS A 54 -15.08 -0.41 -14.11
CA HIS A 54 -15.00 0.02 -15.50
C HIS A 54 -13.67 -0.33 -16.17
N SER A 55 -12.62 -0.57 -15.38
CA SER A 55 -11.32 -0.94 -15.93
C SER A 55 -11.32 -2.29 -16.62
N GLY A 56 -12.37 -3.10 -16.46
CA GLY A 56 -12.44 -4.43 -17.02
C GLY A 56 -12.47 -5.54 -15.99
N LYS A 57 -11.80 -5.34 -14.85
CA LYS A 57 -11.64 -6.41 -13.88
C LYS A 57 -13.00 -6.82 -13.30
N THR A 58 -13.23 -8.13 -13.25
CA THR A 58 -14.52 -8.69 -12.85
C THR A 58 -14.28 -9.84 -11.89
N ASN A 59 -15.05 -9.86 -10.80
CA ASN A 59 -14.91 -10.87 -9.75
C ASN A 59 -16.28 -11.44 -9.42
N TYR A 60 -16.30 -12.73 -9.06
CA TYR A 60 -17.53 -13.47 -8.86
C TYR A 60 -17.46 -14.29 -7.57
N ASN A 61 -18.63 -14.52 -6.98
CA ASN A 61 -18.76 -15.42 -5.86
C ASN A 61 -18.39 -16.83 -6.29
N PRO A 62 -17.40 -17.47 -5.67
CA PRO A 62 -16.96 -18.80 -6.14
C PRO A 62 -18.03 -19.87 -6.04
N SER A 63 -19.05 -19.70 -5.20
CA SER A 63 -20.15 -20.64 -5.18
C SER A 63 -21.06 -20.50 -6.40
N LEU A 64 -20.93 -19.42 -7.16
CA LEU A 64 -21.71 -19.19 -8.36
C LEU A 64 -20.87 -19.12 -9.63
N LYS A 65 -19.54 -19.24 -9.51
CA LYS A 65 -18.63 -18.91 -10.60
C LYS A 65 -18.88 -19.72 -11.86
N SER A 66 -19.52 -20.88 -11.75
CA SER A 66 -19.80 -21.69 -12.94
C SER A 66 -20.93 -21.12 -13.78
N ARG A 67 -21.90 -20.45 -13.17
CA ARG A 67 -23.16 -20.14 -13.82
C ARG A 67 -23.44 -18.65 -13.95
N VAL A 68 -22.43 -17.79 -13.80
CA VAL A 68 -22.67 -16.35 -13.74
C VAL A 68 -21.89 -15.64 -14.83
N THR A 69 -22.48 -14.58 -15.37
CA THR A 69 -21.82 -13.65 -16.27
C THR A 69 -22.35 -12.26 -15.98
N ILE A 70 -21.46 -11.27 -15.97
CA ILE A 70 -21.84 -9.87 -15.80
C ILE A 70 -21.27 -9.09 -16.97
N SER A 71 -22.09 -8.23 -17.57
CA SER A 71 -21.70 -7.45 -18.73
C SER A 71 -21.93 -5.97 -18.43
N VAL A 72 -21.26 -5.13 -19.22
CA VAL A 72 -21.37 -3.68 -19.08
C VAL A 72 -21.78 -3.10 -20.42
N ASP A 73 -22.81 -2.25 -20.41
CA ASP A 73 -23.14 -1.41 -21.56
C ASP A 73 -22.79 0.03 -21.17
N LYS A 74 -21.54 0.41 -21.42
CA LYS A 74 -21.10 1.77 -21.11
C LYS A 74 -21.93 2.81 -21.86
N SER A 75 -22.26 2.51 -23.13
CA SER A 75 -23.06 3.43 -23.93
C SER A 75 -24.43 3.67 -23.29
N LYS A 76 -25.02 2.64 -22.70
CA LYS A 76 -26.34 2.73 -22.10
C LYS A 76 -26.30 3.03 -20.61
N ASN A 77 -25.11 3.18 -20.02
CA ASN A 77 -24.94 3.36 -18.57
C ASN A 77 -25.71 2.28 -17.81
N GLN A 78 -25.47 1.03 -18.19
CA GLN A 78 -26.22 -0.10 -17.69
C GLN A 78 -25.29 -1.31 -17.57
N PHE A 79 -25.62 -2.22 -16.66
CA PHE A 79 -24.92 -3.48 -16.55
C PHE A 79 -25.92 -4.58 -16.21
N SER A 80 -25.61 -5.79 -16.67
CA SER A 80 -26.53 -6.93 -16.63
C SER A 80 -25.98 -8.04 -15.75
N LEU A 81 -26.82 -9.05 -15.55
CA LEU A 81 -26.46 -10.24 -14.79
C LEU A 81 -27.10 -11.45 -15.47
N LYS A 82 -26.31 -12.51 -15.66
CA LYS A 82 -26.72 -13.67 -16.44
C LYS A 82 -26.47 -14.94 -15.61
N LEU A 83 -27.53 -15.48 -15.03
CA LEU A 83 -27.46 -16.71 -14.23
C LEU A 83 -28.09 -17.84 -15.04
N SER A 84 -27.31 -18.88 -15.30
CA SER A 84 -27.73 -20.00 -16.15
C SER A 84 -28.05 -21.22 -15.31
N SER A 85 -28.87 -22.11 -15.89
CA SER A 85 -29.25 -23.38 -15.28
C SER A 85 -29.77 -23.18 -13.84
N VAL A 86 -30.80 -22.34 -13.75
CA VAL A 86 -31.29 -21.91 -12.44
C VAL A 86 -32.27 -22.94 -11.88
N THR A 87 -32.38 -22.93 -10.55
CA THR A 87 -33.29 -23.80 -9.81
C THR A 87 -34.11 -22.93 -8.85
N ALA A 88 -35.00 -23.58 -8.10
CA ALA A 88 -35.84 -22.85 -7.16
C ALA A 88 -35.04 -22.26 -6.01
N ALA A 89 -33.84 -22.75 -5.76
CA ALA A 89 -32.95 -22.14 -4.78
C ALA A 89 -32.47 -20.76 -5.22
N ASP A 90 -32.66 -20.40 -6.48
CA ASP A 90 -32.31 -19.08 -6.99
C ASP A 90 -33.48 -18.10 -6.98
N THR A 91 -34.63 -18.51 -6.43
CA THR A 91 -35.75 -17.58 -6.26
C THR A 91 -35.38 -16.58 -5.19
N ALA A 92 -35.18 -15.32 -5.59
CA ALA A 92 -34.70 -14.31 -4.66
C ALA A 92 -35.03 -12.94 -5.20
N VAL A 93 -35.08 -11.97 -4.28
CA VAL A 93 -35.06 -10.56 -4.65
C VAL A 93 -33.62 -10.19 -4.98
N TYR A 94 -33.40 -9.68 -6.20
CA TYR A 94 -32.06 -9.38 -6.70
C TYR A 94 -31.83 -7.88 -6.68
N TYR A 95 -30.68 -7.48 -6.15
CA TYR A 95 -30.28 -6.08 -6.02
C TYR A 95 -29.05 -5.79 -6.85
N CYS A 96 -29.05 -4.66 -7.55
CA CYS A 96 -27.79 -4.08 -8.01
C CYS A 96 -27.36 -3.00 -7.02
N ALA A 97 -26.04 -2.84 -6.89
CA ALA A 97 -25.49 -2.01 -5.84
C ALA A 97 -24.24 -1.30 -6.33
N ARG A 98 -23.89 -0.21 -5.66
CA ARG A 98 -22.67 0.54 -5.94
C ARG A 98 -21.76 0.51 -4.73
N SER A 99 -20.47 0.29 -4.99
CA SER A 99 -19.43 0.30 -3.97
C SER A 99 -18.66 1.62 -4.00
N ASP A 100 -18.31 2.12 -2.82
CA ASP A 100 -17.66 3.42 -2.71
C ASP A 100 -16.76 3.43 -1.49
N LEU A 101 -15.61 4.10 -1.62
CA LEU A 101 -14.64 4.18 -0.54
C LEU A 101 -15.05 5.11 0.58
N LEU A 102 -16.11 5.89 0.40
CA LEU A 102 -16.62 6.80 1.41
C LEU A 102 -15.52 7.72 1.95
N THR A 103 -15.50 7.92 3.27
CA THR A 103 -14.55 8.84 3.89
C THR A 103 -13.11 8.32 3.89
N GLY A 104 -12.88 7.07 3.52
CA GLY A 104 -11.55 6.51 3.66
C GLY A 104 -10.82 6.20 2.38
N TYR A 105 -10.00 5.15 2.41
CA TYR A 105 -9.14 4.80 1.28
C TYR A 105 -9.25 3.35 0.84
N PHE A 106 -9.67 2.44 1.72
CA PHE A 106 -9.89 1.04 1.39
C PHE A 106 -10.63 0.38 2.55
N PRO A 107 -11.52 -0.60 2.31
CA PRO A 107 -12.03 -1.09 1.03
C PRO A 107 -13.27 -0.32 0.58
N TYR A 108 -14.02 -0.85 -0.38
CA TYR A 108 -15.24 -0.22 -0.84
C TYR A 108 -16.42 -0.74 -0.03
N TYR A 109 -17.34 0.15 0.30
CA TYR A 109 -18.55 -0.18 1.03
C TYR A 109 -19.77 0.08 0.15
N PHE A 110 -20.78 -0.78 0.26
CA PHE A 110 -21.98 -0.65 -0.55
C PHE A 110 -22.85 0.46 0.02
N ASP A 111 -22.99 1.55 -0.73
CA ASP A 111 -23.70 2.73 -0.26
C ASP A 111 -24.95 3.08 -1.04
N TYR A 112 -25.17 2.49 -2.22
CA TYR A 112 -26.39 2.72 -2.98
C TYR A 112 -26.91 1.39 -3.50
N TRP A 113 -28.21 1.18 -3.36
CA TRP A 113 -28.86 -0.04 -3.82
C TRP A 113 -30.01 0.31 -4.75
N GLY A 114 -30.48 -0.70 -5.48
CA GLY A 114 -31.72 -0.60 -6.22
C GLY A 114 -32.91 -0.80 -5.29
N GLN A 115 -34.09 -0.84 -5.90
CA GLN A 115 -35.29 -1.17 -5.14
C GLN A 115 -35.51 -2.67 -5.03
N GLY A 116 -34.77 -3.46 -5.80
CA GLY A 116 -34.88 -4.91 -5.78
C GLY A 116 -35.99 -5.41 -6.66
N THR A 117 -35.70 -6.42 -7.48
CA THR A 117 -36.71 -7.11 -8.26
C THR A 117 -36.77 -8.57 -7.82
N LEU A 118 -37.98 -9.09 -7.68
CA LEU A 118 -38.18 -10.48 -7.29
C LEU A 118 -38.29 -11.35 -8.54
N VAL A 119 -37.51 -12.42 -8.58
CA VAL A 119 -37.58 -13.41 -9.64
C VAL A 119 -37.89 -14.76 -8.99
N THR A 120 -39.08 -15.29 -9.25
CA THR A 120 -39.44 -16.62 -8.82
C THR A 120 -39.10 -17.62 -9.92
N VAL A 121 -38.36 -18.66 -9.57
CA VAL A 121 -38.07 -19.75 -10.50
C VAL A 121 -39.12 -20.84 -10.32
N SER A 122 -39.77 -21.23 -11.41
CA SER A 122 -40.72 -22.33 -11.40
C SER A 122 -41.16 -22.61 -12.83
N SER A 123 -41.60 -23.84 -13.07
CA SER A 123 -42.16 -24.23 -14.36
C SER A 123 -43.62 -23.84 -14.52
N ALA A 124 -44.23 -23.23 -13.51
CA ALA A 124 -45.64 -22.85 -13.57
C ALA A 124 -45.81 -21.58 -14.42
N SER A 125 -47.05 -21.34 -14.83
CA SER A 125 -47.36 -20.33 -15.83
C SER A 125 -48.07 -19.14 -15.19
N THR A 126 -47.67 -17.93 -15.60
CA THR A 126 -48.27 -16.69 -15.13
C THR A 126 -49.80 -16.76 -15.18
N LYS A 127 -50.43 -16.26 -14.13
CA LYS A 127 -51.89 -16.24 -14.02
C LYS A 127 -52.32 -14.97 -13.32
N GLY A 128 -53.24 -14.23 -13.94
CA GLY A 128 -53.73 -13.00 -13.36
C GLY A 128 -54.67 -13.25 -12.21
N PRO A 129 -54.77 -12.30 -11.30
CA PRO A 129 -55.58 -12.51 -10.09
C PRO A 129 -57.05 -12.22 -10.33
N SER A 130 -57.86 -12.66 -9.37
CA SER A 130 -59.22 -12.21 -9.19
C SER A 130 -59.30 -11.31 -7.97
N VAL A 131 -60.34 -10.48 -7.91
CA VAL A 131 -60.50 -9.54 -6.81
C VAL A 131 -61.95 -9.54 -6.36
N PHE A 132 -62.22 -10.21 -5.24
CA PHE A 132 -63.56 -10.28 -4.70
C PHE A 132 -63.75 -9.27 -3.57
N PRO A 133 -64.94 -8.69 -3.45
CA PRO A 133 -65.17 -7.70 -2.38
C PRO A 133 -65.29 -8.37 -1.03
N LEU A 134 -65.11 -7.55 0.01
CA LEU A 134 -65.32 -7.95 1.41
C LEU A 134 -66.31 -6.93 1.97
N ALA A 135 -67.60 -7.24 1.83
CA ALA A 135 -68.72 -6.34 2.07
C ALA A 135 -68.70 -5.70 3.45
N PRO A 136 -69.33 -4.52 3.61
CA PRO A 136 -69.50 -3.89 4.93
C PRO A 136 -70.78 -4.34 5.63
N THR A 145 -65.51 2.19 14.07
CA THR A 145 -64.54 1.71 13.10
C THR A 145 -65.11 0.56 12.26
N ALA A 146 -64.73 0.51 10.99
CA ALA A 146 -65.15 -0.54 10.09
C ALA A 146 -63.98 -0.88 9.17
N ALA A 147 -63.91 -2.15 8.75
CA ALA A 147 -62.78 -2.66 7.99
C ALA A 147 -63.28 -3.32 6.71
N LEU A 148 -63.04 -2.68 5.58
CA LEU A 148 -63.31 -3.25 4.27
C LEU A 148 -62.02 -3.81 3.66
N GLY A 149 -62.16 -4.91 2.92
CA GLY A 149 -61.00 -5.56 2.34
C GLY A 149 -61.24 -6.00 0.90
N CYS A 150 -60.18 -6.50 0.29
CA CYS A 150 -60.20 -7.10 -1.03
C CYS A 150 -59.44 -8.41 -0.99
N LEU A 151 -59.93 -9.41 -1.73
CA LEU A 151 -59.32 -10.74 -1.76
C LEU A 151 -58.67 -10.94 -3.13
N VAL A 152 -57.34 -10.81 -3.16
CA VAL A 152 -56.55 -11.08 -4.36
C VAL A 152 -56.18 -12.56 -4.34
N LYS A 153 -56.81 -13.35 -5.21
CA LYS A 153 -56.77 -14.79 -5.12
C LYS A 153 -56.27 -15.41 -6.42
N ASP A 154 -55.56 -16.53 -6.28
CA ASP A 154 -55.10 -17.37 -7.39
C ASP A 154 -54.36 -16.56 -8.46
N TYR A 155 -53.26 -15.94 -8.04
CA TYR A 155 -52.34 -15.29 -8.96
C TYR A 155 -50.94 -15.88 -8.84
N PHE A 156 -50.27 -15.98 -9.97
CA PHE A 156 -48.87 -16.35 -10.16
C PHE A 156 -48.03 -15.09 -10.29
N PRO A 157 -46.70 -15.18 -10.53
CA PRO A 157 -45.69 -14.81 -9.53
C PRO A 157 -45.94 -13.60 -8.66
N GLU A 158 -45.46 -13.78 -7.44
CA GLU A 158 -45.97 -13.07 -6.26
C GLU A 158 -45.96 -11.54 -6.32
N PRO A 159 -45.08 -10.83 -7.07
CA PRO A 159 -45.10 -9.37 -6.93
C PRO A 159 -46.38 -8.77 -7.46
N VAL A 160 -47.17 -8.26 -6.52
CA VAL A 160 -48.47 -7.65 -6.78
C VAL A 160 -48.58 -6.40 -5.93
N THR A 161 -49.13 -5.33 -6.49
CA THR A 161 -49.38 -4.13 -5.72
C THR A 161 -50.86 -4.04 -5.38
N VAL A 162 -51.15 -3.48 -4.20
CA VAL A 162 -52.52 -3.21 -3.77
C VAL A 162 -52.53 -1.88 -3.06
N SER A 163 -53.43 -0.99 -3.48
CA SER A 163 -53.58 0.32 -2.86
C SER A 163 -55.06 0.62 -2.66
N TRP A 164 -55.33 1.80 -2.10
CA TRP A 164 -56.68 2.32 -1.93
C TRP A 164 -56.65 3.80 -2.28
N ASN A 165 -57.50 4.23 -3.22
CA ASN A 165 -57.50 5.61 -3.70
C ASN A 165 -56.10 5.89 -4.29
N SER A 166 -55.62 4.93 -5.08
CA SER A 166 -54.25 4.93 -5.53
C SER A 166 -53.39 5.12 -4.29
N GLY A 167 -52.61 6.21 -4.24
CA GLY A 167 -51.82 6.50 -3.06
C GLY A 167 -52.35 7.47 -2.03
N ALA A 168 -53.55 8.06 -2.20
CA ALA A 168 -54.01 9.06 -1.24
C ALA A 168 -54.50 8.46 0.08
N LEU A 169 -55.00 7.24 0.07
CA LEU A 169 -55.49 6.60 1.30
C LEU A 169 -54.42 5.61 1.75
N THR A 170 -53.55 6.07 2.64
CA THR A 170 -52.42 5.29 3.11
C THR A 170 -52.43 5.01 4.60
N SER A 171 -53.18 5.77 5.40
CA SER A 171 -53.29 5.48 6.82
C SER A 171 -54.28 4.33 7.04
N GLY A 172 -53.99 3.52 8.05
CA GLY A 172 -54.87 2.43 8.41
C GLY A 172 -54.81 1.21 7.52
N VAL A 173 -54.04 1.26 6.43
CA VAL A 173 -53.99 0.15 5.49
C VAL A 173 -53.05 -0.92 6.00
N HIS A 174 -53.35 -2.17 5.68
CA HIS A 174 -52.50 -3.30 6.05
C HIS A 174 -52.56 -4.34 4.94
N THR A 175 -51.50 -4.43 4.14
CA THR A 175 -51.40 -5.45 3.09
C THR A 175 -50.53 -6.59 3.61
N PHE A 176 -51.11 -7.78 3.65
CA PHE A 176 -50.71 -9.06 4.20
C PHE A 176 -49.92 -9.87 3.18
N PRO A 177 -48.96 -10.68 3.63
CA PRO A 177 -48.08 -11.37 2.67
C PRO A 177 -48.82 -12.40 1.83
N ALA A 178 -48.42 -12.49 0.55
CA ALA A 178 -49.00 -13.48 -0.34
C ALA A 178 -48.73 -14.87 0.19
N VAL A 179 -49.77 -15.70 0.21
CA VAL A 179 -49.69 -17.06 0.72
C VAL A 179 -49.64 -18.02 -0.47
N LEU A 180 -48.71 -18.96 -0.42
CA LEU A 180 -48.64 -20.00 -1.44
C LEU A 180 -49.64 -21.10 -1.09
N GLN A 181 -50.55 -21.39 -2.02
CA GLN A 181 -51.54 -22.44 -1.82
C GLN A 181 -51.00 -23.76 -2.31
N SER A 182 -51.66 -24.84 -1.88
CA SER A 182 -51.32 -26.16 -2.41
C SER A 182 -51.64 -26.29 -3.89
N SER A 183 -52.38 -25.35 -4.46
CA SER A 183 -52.67 -25.32 -5.89
C SER A 183 -51.59 -24.61 -6.70
N GLY A 184 -50.46 -24.26 -6.08
CA GLY A 184 -49.39 -23.59 -6.77
C GLY A 184 -49.60 -22.11 -7.04
N LEU A 185 -50.71 -21.54 -6.59
CA LEU A 185 -51.06 -20.16 -6.88
C LEU A 185 -51.16 -19.37 -5.58
N TYR A 186 -50.84 -18.08 -5.65
CA TYR A 186 -50.77 -17.23 -4.47
C TYR A 186 -52.10 -16.56 -4.19
N SER A 187 -52.31 -16.22 -2.92
CA SER A 187 -53.44 -15.41 -2.47
C SER A 187 -52.94 -14.29 -1.58
N LEU A 188 -53.72 -13.21 -1.51
CA LEU A 188 -53.34 -12.07 -0.70
C LEU A 188 -54.61 -11.40 -0.20
N SER A 189 -54.51 -10.78 0.98
CA SER A 189 -55.57 -9.96 1.53
C SER A 189 -55.04 -8.58 1.84
N SER A 190 -55.91 -7.58 1.72
CA SER A 190 -55.60 -6.22 2.11
C SER A 190 -56.82 -5.60 2.75
N VAL A 191 -56.61 -4.79 3.79
CA VAL A 191 -57.68 -4.23 4.58
C VAL A 191 -57.31 -2.81 5.00
N VAL A 192 -58.31 -2.08 5.52
CA VAL A 192 -58.12 -0.73 6.01
C VAL A 192 -59.31 -0.40 6.90
N THR A 193 -59.09 0.46 7.89
CA THR A 193 -60.09 0.79 8.90
C THR A 193 -60.61 2.19 8.65
N VAL A 194 -61.92 2.31 8.44
CA VAL A 194 -62.55 3.60 8.16
C VAL A 194 -63.67 3.81 9.17
N PRO A 195 -64.12 5.06 9.33
CA PRO A 195 -65.28 5.32 10.18
C PRO A 195 -66.57 4.84 9.53
N SER A 196 -67.56 4.54 10.37
CA SER A 196 -68.84 4.03 9.91
C SER A 196 -69.77 5.12 9.40
N SER A 197 -69.29 6.34 9.21
CA SER A 197 -70.10 7.42 8.66
C SER A 197 -69.95 7.59 7.16
N SER A 198 -68.89 7.03 6.57
CA SER A 198 -68.68 7.12 5.13
C SER A 198 -69.49 6.10 4.35
N LEU A 199 -70.07 5.11 5.03
CA LEU A 199 -70.85 4.07 4.35
C LEU A 199 -72.11 4.68 3.74
N GLY A 200 -72.13 4.77 2.42
CA GLY A 200 -73.26 5.37 1.73
C GLY A 200 -73.02 6.83 1.37
N THR A 203 -67.17 5.69 -1.27
CA THR A 203 -66.87 4.31 -1.63
C THR A 203 -65.38 4.04 -1.58
N TYR A 204 -64.98 2.78 -1.74
CA TYR A 204 -63.60 2.35 -1.54
C TYR A 204 -63.25 1.37 -2.65
N ILE A 205 -62.57 1.85 -3.68
CA ILE A 205 -62.13 1.03 -4.80
C ILE A 205 -60.64 0.77 -4.62
N CYS A 206 -60.30 -0.41 -4.10
CA CYS A 206 -58.91 -0.82 -3.99
C CYS A 206 -58.34 -1.13 -5.37
N ASN A 207 -57.04 -0.90 -5.53
CA ASN A 207 -56.36 -1.07 -6.80
C ASN A 207 -55.44 -2.28 -6.68
N VAL A 208 -55.64 -3.27 -7.54
CA VAL A 208 -54.84 -4.48 -7.54
C VAL A 208 -54.01 -4.46 -8.83
N ASN A 209 -52.72 -4.22 -8.69
CA ASN A 209 -51.78 -4.17 -9.81
C ASN A 209 -50.91 -5.42 -9.75
N HIS A 210 -50.94 -6.21 -10.82
CA HIS A 210 -50.13 -7.43 -10.94
C HIS A 210 -49.22 -7.23 -12.14
N LYS A 211 -48.05 -6.65 -11.90
CA LYS A 211 -47.08 -6.35 -12.98
C LYS A 211 -46.99 -7.43 -14.05
N PRO A 212 -46.76 -8.72 -13.74
CA PRO A 212 -46.63 -9.71 -14.83
C PRO A 212 -47.87 -9.83 -15.71
N SER A 213 -49.07 -9.83 -15.14
CA SER A 213 -50.31 -9.85 -15.92
C SER A 213 -51.13 -8.63 -15.60
N ASN A 214 -51.49 -7.84 -16.62
CA ASN A 214 -52.13 -6.57 -16.37
C ASN A 214 -53.48 -6.77 -15.68
N THR A 215 -53.75 -5.91 -14.70
CA THR A 215 -54.99 -6.03 -13.92
C THR A 215 -55.30 -4.69 -13.28
N LYS A 216 -56.56 -4.52 -12.90
CA LYS A 216 -57.02 -3.39 -12.11
C LYS A 216 -58.31 -3.80 -11.42
N VAL A 217 -58.82 -2.93 -10.56
CA VAL A 217 -60.12 -3.14 -9.95
C VAL A 217 -60.97 -1.87 -10.10
N ASP B 1 -13.80 -17.65 3.13
CA ASP B 1 -14.56 -17.78 4.37
C ASP B 1 -13.75 -18.58 5.40
N ILE B 2 -13.31 -17.94 6.49
CA ILE B 2 -13.42 -16.60 7.11
C ILE B 2 -14.90 -16.23 7.27
N GLN B 3 -15.67 -17.21 7.75
CA GLN B 3 -17.10 -17.05 7.99
C GLN B 3 -17.39 -15.97 9.02
N LEU B 4 -18.65 -15.59 9.10
CA LEU B 4 -19.14 -14.56 10.02
C LEU B 4 -20.32 -15.12 10.80
N THR B 5 -20.27 -14.98 12.12
CA THR B 5 -21.28 -15.53 13.02
C THR B 5 -21.91 -14.41 13.82
N GLN B 6 -23.10 -13.97 13.38
CA GLN B 6 -23.86 -12.96 14.10
C GLN B 6 -24.56 -13.63 15.28
N SER B 7 -24.29 -13.14 16.50
CA SER B 7 -24.57 -13.95 17.68
C SER B 7 -26.06 -14.03 18.01
N PRO B 8 -26.81 -12.92 18.15
CA PRO B 8 -28.26 -13.08 18.41
C PRO B 8 -29.04 -13.23 17.11
N SER B 9 -29.79 -14.32 16.99
CA SER B 9 -30.64 -14.50 15.80
C SER B 9 -31.92 -13.69 15.89
N PHE B 10 -32.55 -13.68 17.07
CA PHE B 10 -33.77 -12.92 17.29
C PHE B 10 -33.59 -12.07 18.55
N LEU B 11 -34.46 -11.08 18.72
CA LEU B 11 -34.27 -10.14 19.81
C LEU B 11 -35.56 -9.37 20.07
N SER B 12 -36.01 -9.36 21.33
CA SER B 12 -37.11 -8.52 21.77
C SER B 12 -36.56 -7.42 22.68
N ALA B 13 -37.13 -6.22 22.56
CA ALA B 13 -36.69 -5.09 23.35
C ALA B 13 -37.81 -4.07 23.44
N SER B 14 -37.67 -3.16 24.39
CA SER B 14 -38.65 -2.10 24.64
C SER B 14 -38.06 -0.75 24.26
N VAL B 15 -38.95 0.22 24.01
CA VAL B 15 -38.50 1.54 23.57
C VAL B 15 -37.72 2.21 24.69
N GLY B 16 -36.45 2.50 24.43
CA GLY B 16 -35.55 3.06 25.42
C GLY B 16 -34.51 2.09 25.93
N ASP B 17 -34.75 0.79 25.73
CA ASP B 17 -33.79 -0.24 26.13
C ASP B 17 -32.51 -0.12 25.31
N ARG B 18 -31.45 -0.72 25.83
CA ARG B 18 -30.18 -0.82 25.12
C ARG B 18 -30.05 -2.22 24.52
N VAL B 19 -29.51 -2.28 23.30
CA VAL B 19 -29.48 -3.51 22.51
C VAL B 19 -28.08 -3.69 21.96
N THR B 20 -27.62 -4.94 21.91
CA THR B 20 -26.27 -5.27 21.46
C THR B 20 -26.32 -6.49 20.54
N ILE B 21 -25.77 -6.33 19.35
CA ILE B 21 -25.64 -7.41 18.38
C ILE B 21 -24.15 -7.65 18.14
N THR B 22 -23.77 -8.92 18.01
CA THR B 22 -22.37 -9.32 18.03
C THR B 22 -22.02 -10.04 16.74
N CYS B 23 -20.76 -9.91 16.32
CA CYS B 23 -20.28 -10.49 15.07
C CYS B 23 -18.89 -11.08 15.29
N ARG B 24 -18.76 -12.38 15.10
CA ARG B 24 -17.49 -13.08 15.27
C ARG B 24 -16.97 -13.56 13.91
N ALA B 25 -15.82 -13.04 13.50
CA ALA B 25 -15.14 -13.50 12.30
C ALA B 25 -14.12 -14.58 12.67
N SER B 26 -14.09 -15.67 11.89
CA SER B 26 -13.19 -16.76 12.21
C SER B 26 -11.72 -16.39 11.99
N GLN B 27 -11.44 -15.38 11.18
CA GLN B 27 -10.10 -14.81 11.09
C GLN B 27 -10.19 -13.29 11.23
N GLY B 28 -9.05 -12.68 11.52
CA GLY B 28 -8.94 -11.24 11.58
C GLY B 28 -9.26 -10.57 10.26
N ILE B 29 -10.11 -9.55 10.30
CA ILE B 29 -10.48 -8.81 9.10
C ILE B 29 -10.23 -7.33 9.34
N SER B 30 -9.35 -7.02 10.29
CA SER B 30 -9.01 -5.64 10.69
C SER B 30 -10.31 -4.94 11.09
N SER B 31 -10.58 -3.73 10.60
CA SER B 31 -11.83 -3.04 10.87
C SER B 31 -12.73 -3.02 9.63
N TYR B 32 -12.50 -3.92 8.67
CA TYR B 32 -13.21 -3.91 7.40
C TYR B 32 -14.56 -4.61 7.55
N LEU B 33 -15.45 -3.94 8.30
CA LEU B 33 -16.76 -4.48 8.64
C LEU B 33 -17.80 -3.37 8.53
N ALA B 34 -19.01 -3.76 8.16
CA ALA B 34 -20.11 -2.83 7.99
C ALA B 34 -21.37 -3.42 8.60
N TRP B 35 -22.29 -2.53 8.99
CA TRP B 35 -23.56 -2.91 9.60
C TRP B 35 -24.70 -2.30 8.79
N TYR B 36 -25.69 -3.12 8.45
CA TYR B 36 -26.82 -2.67 7.68
C TYR B 36 -28.11 -2.90 8.45
N GLN B 37 -29.01 -1.93 8.39
CA GLN B 37 -30.38 -2.08 8.87
C GLN B 37 -31.28 -2.29 7.65
N GLN B 38 -32.13 -3.31 7.71
CA GLN B 38 -33.00 -3.67 6.59
C GLN B 38 -34.44 -3.76 7.10
N LYS B 39 -35.27 -2.82 6.66
CA LYS B 39 -36.69 -2.90 6.99
C LYS B 39 -37.41 -3.76 5.96
N PRO B 40 -38.54 -4.36 6.33
CA PRO B 40 -39.16 -5.39 5.47
C PRO B 40 -39.46 -4.89 4.06
N GLY B 41 -39.04 -5.68 3.07
CA GLY B 41 -39.25 -5.36 1.68
C GLY B 41 -38.56 -4.11 1.20
N LYS B 42 -37.41 -3.78 1.79
CA LYS B 42 -36.59 -2.66 1.32
C LYS B 42 -35.14 -3.10 1.27
N ALA B 43 -34.37 -2.42 0.42
CA ALA B 43 -32.94 -2.70 0.35
C ALA B 43 -32.27 -2.35 1.68
N PRO B 44 -31.14 -2.98 2.00
CA PRO B 44 -30.47 -2.68 3.27
C PRO B 44 -29.95 -1.24 3.29
N LYS B 45 -30.28 -0.53 4.36
CA LYS B 45 -29.66 0.76 4.63
C LYS B 45 -28.32 0.53 5.34
N LEU B 46 -27.35 1.40 5.09
CA LEU B 46 -26.04 1.29 5.70
C LEU B 46 -25.96 2.24 6.89
N LEU B 47 -25.58 1.71 8.05
CA LEU B 47 -25.44 2.49 9.28
C LEU B 47 -23.98 2.80 9.59
N ILE B 48 -23.13 1.78 9.60
CA ILE B 48 -21.76 1.90 10.10
C ILE B 48 -20.81 1.22 9.12
N TYR B 49 -19.66 1.85 8.89
CA TYR B 49 -18.61 1.26 8.08
C TYR B 49 -17.27 1.51 8.78
N ALA B 50 -16.27 0.73 8.37
CA ALA B 50 -14.97 0.63 9.06
C ALA B 50 -15.16 0.28 10.53
N ALA B 51 -16.33 -0.25 10.86
CA ALA B 51 -16.71 -0.92 12.11
C ALA B 51 -16.88 0.06 13.26
N SER B 52 -16.56 1.33 13.08
CA SER B 52 -17.02 2.36 14.00
C SER B 52 -17.53 3.64 13.33
N THR B 53 -17.26 3.86 12.05
CA THR B 53 -17.59 5.13 11.42
C THR B 53 -19.08 5.19 11.10
N LEU B 54 -19.73 6.26 11.55
CA LEU B 54 -21.18 6.41 11.37
C LEU B 54 -21.45 7.08 10.04
N GLN B 55 -22.17 6.39 9.16
CA GLN B 55 -22.54 6.95 7.87
C GLN B 55 -23.46 8.14 8.07
N SER B 56 -23.32 9.14 7.19
CA SER B 56 -24.10 10.36 7.29
C SER B 56 -25.60 10.06 7.31
N GLY B 57 -26.36 10.97 7.91
CA GLY B 57 -27.80 10.79 8.03
C GLY B 57 -28.20 9.93 9.20
N VAL B 58 -27.46 8.85 9.45
CA VAL B 58 -27.83 7.87 10.48
C VAL B 58 -27.77 8.54 11.85
N PRO B 59 -28.77 8.34 12.71
CA PRO B 59 -28.76 8.99 14.02
C PRO B 59 -27.60 8.52 14.89
N SER B 60 -27.11 9.44 15.72
CA SER B 60 -25.98 9.16 16.61
C SER B 60 -26.29 8.04 17.61
N ARG B 61 -27.56 7.72 17.82
CA ARG B 61 -27.92 6.66 18.76
C ARG B 61 -27.31 5.31 18.36
N PHE B 62 -27.01 5.13 17.07
CA PHE B 62 -26.29 3.94 16.64
C PHE B 62 -24.80 4.14 16.79
N SER B 63 -24.07 3.04 16.97
CA SER B 63 -22.63 3.08 17.10
C SER B 63 -22.08 1.66 17.01
N GLY B 64 -20.84 1.54 16.56
CA GLY B 64 -20.19 0.25 16.42
C GLY B 64 -18.79 0.27 16.99
N SER B 65 -18.25 -0.92 17.16
CA SER B 65 -16.90 -1.12 17.69
C SER B 65 -16.45 -2.54 17.37
N GLY B 66 -15.16 -2.70 17.10
CA GLY B 66 -14.64 -4.03 16.94
C GLY B 66 -13.16 -4.17 16.67
N SER B 67 -12.60 -5.28 17.13
CA SER B 67 -11.22 -5.66 16.91
C SER B 67 -11.10 -6.40 15.59
N GLY B 68 -9.92 -6.99 15.32
CA GLY B 68 -9.76 -7.80 14.14
C GLY B 68 -10.76 -8.94 14.03
N THR B 69 -11.20 -9.48 15.16
CA THR B 69 -11.94 -10.74 15.19
C THR B 69 -13.38 -10.61 15.68
N GLU B 70 -13.64 -9.78 16.68
CA GLU B 70 -14.96 -9.68 17.29
C GLU B 70 -15.50 -8.26 17.16
N PHE B 71 -16.78 -8.16 16.80
CA PHE B 71 -17.42 -6.88 16.54
C PHE B 71 -18.80 -6.86 17.17
N THR B 72 -19.24 -5.67 17.59
CA THR B 72 -20.56 -5.49 18.19
C THR B 72 -21.18 -4.21 17.66
N LEU B 73 -22.49 -4.25 17.44
CA LEU B 73 -23.28 -3.07 17.10
C LEU B 73 -24.20 -2.73 18.25
N THR B 74 -24.17 -1.47 18.69
CA THR B 74 -24.94 -1.00 19.82
C THR B 74 -25.89 0.11 19.37
N ILE B 75 -27.16 0.00 19.78
CA ILE B 75 -28.12 1.08 19.67
C ILE B 75 -28.43 1.56 21.09
N SER B 76 -28.13 2.83 21.36
CA SER B 76 -28.32 3.39 22.68
C SER B 76 -29.69 4.06 22.74
N SER B 77 -30.47 3.71 23.77
CA SER B 77 -31.91 3.92 23.79
C SER B 77 -32.53 3.10 22.67
N LEU B 78 -33.77 3.40 22.31
CA LEU B 78 -34.45 2.63 21.28
C LEU B 78 -35.74 3.34 20.91
N GLN B 79 -36.29 2.96 19.76
CA GLN B 79 -37.45 3.61 19.16
C GLN B 79 -38.18 2.57 18.32
N PRO B 80 -39.50 2.70 18.16
CA PRO B 80 -40.25 1.69 17.39
C PRO B 80 -39.92 1.64 15.92
N GLU B 81 -39.19 2.63 15.38
CA GLU B 81 -38.76 2.61 13.99
C GLU B 81 -37.39 1.96 13.81
N ASP B 82 -36.89 1.27 14.82
CA ASP B 82 -35.69 0.46 14.68
C ASP B 82 -36.02 -1.02 14.61
N PHE B 83 -37.29 -1.37 14.52
CA PHE B 83 -37.66 -2.73 14.15
C PHE B 83 -37.14 -3.03 12.75
N ALA B 84 -36.23 -4.00 12.66
CA ALA B 84 -35.65 -4.40 11.39
C ALA B 84 -34.82 -5.65 11.62
N THR B 85 -34.37 -6.25 10.53
CA THR B 85 -33.32 -7.24 10.56
C THR B 85 -31.98 -6.55 10.29
N TYR B 86 -30.97 -6.91 11.06
CA TYR B 86 -29.67 -6.25 11.00
C TYR B 86 -28.62 -7.26 10.55
N TYR B 87 -27.62 -6.79 9.81
CA TYR B 87 -26.67 -7.68 9.15
C TYR B 87 -25.24 -7.20 9.35
N CYS B 88 -24.34 -8.16 9.52
CA CYS B 88 -22.92 -7.93 9.33
C CYS B 88 -22.58 -7.96 7.84
N GLN B 89 -21.53 -7.23 7.48
CA GLN B 89 -20.83 -7.53 6.25
C GLN B 89 -19.34 -7.39 6.48
N ARG B 90 -18.57 -8.21 5.76
CA ARG B 90 -17.11 -8.20 5.81
C ARG B 90 -16.61 -7.82 4.43
N LEU B 91 -15.92 -6.69 4.34
CA LEU B 91 -15.54 -6.11 3.05
C LEU B 91 -14.04 -6.18 2.78
N ASN B 92 -13.29 -6.93 3.57
CA ASN B 92 -11.85 -7.05 3.34
C ASN B 92 -11.56 -7.81 2.06
N SER B 93 -12.37 -8.81 1.72
CA SER B 93 -12.18 -9.62 0.53
C SER B 93 -13.52 -10.16 0.07
N TYR B 94 -13.55 -10.66 -1.16
CA TYR B 94 -14.80 -11.25 -1.62
C TYR B 94 -14.86 -12.71 -1.21
N PRO B 95 -16.07 -13.30 -1.08
CA PRO B 95 -17.37 -12.79 -1.51
C PRO B 95 -18.12 -11.91 -0.50
N TYR B 96 -17.43 -11.04 0.23
CA TYR B 96 -18.06 -9.99 1.02
C TYR B 96 -19.18 -10.53 1.91
N THR B 97 -18.86 -11.59 2.64
CA THR B 97 -19.87 -12.38 3.34
C THR B 97 -20.73 -11.52 4.26
N PHE B 98 -22.04 -11.64 4.08
CA PHE B 98 -23.00 -11.06 5.01
C PHE B 98 -23.19 -11.98 6.22
N GLY B 99 -23.53 -11.38 7.35
CA GLY B 99 -23.96 -12.13 8.50
C GLY B 99 -25.29 -12.82 8.23
N GLN B 100 -25.77 -13.52 9.25
CA GLN B 100 -27.01 -14.29 9.11
C GLN B 100 -28.25 -13.51 9.55
N GLY B 101 -28.07 -12.30 10.04
CA GLY B 101 -29.18 -11.41 10.35
C GLY B 101 -29.57 -11.46 11.82
N THR B 102 -30.31 -10.44 12.24
CA THR B 102 -30.82 -10.38 13.61
C THR B 102 -32.17 -9.65 13.57
N LYS B 103 -33.25 -10.42 13.66
CA LYS B 103 -34.59 -9.84 13.78
C LYS B 103 -34.72 -9.14 15.13
N LEU B 104 -35.21 -7.90 15.12
CA LEU B 104 -35.36 -7.09 16.32
C LEU B 104 -36.81 -6.67 16.45
N GLU B 105 -37.53 -7.27 17.41
CA GLU B 105 -38.90 -6.88 17.70
C GLU B 105 -38.93 -5.85 18.82
N ILE B 106 -39.84 -4.89 18.71
CA ILE B 106 -40.08 -3.89 19.75
C ILE B 106 -41.23 -4.35 20.63
N LYS B 107 -41.09 -4.15 21.93
CA LYS B 107 -42.17 -4.46 22.88
C LYS B 107 -42.69 -3.18 23.53
N THR B 109 -45.95 -2.58 25.06
CA THR B 109 -47.20 -2.45 25.81
C THR B 109 -48.31 -3.24 25.13
N VAL B 110 -48.88 -4.21 25.87
CA VAL B 110 -49.83 -5.15 25.28
C VAL B 110 -51.04 -4.41 24.74
N ALA B 111 -51.53 -4.87 23.58
CA ALA B 111 -52.67 -4.27 22.90
C ALA B 111 -53.67 -5.35 22.52
N ALA B 112 -54.95 -4.97 22.51
CA ALA B 112 -56.03 -5.91 22.25
C ALA B 112 -56.45 -5.87 20.78
N PRO B 113 -56.78 -7.03 20.21
CA PRO B 113 -57.15 -7.07 18.79
C PRO B 113 -58.48 -6.38 18.51
N SER B 114 -58.64 -6.00 17.24
CA SER B 114 -59.93 -5.60 16.68
C SER B 114 -60.36 -6.73 15.75
N VAL B 115 -61.30 -7.55 16.21
CA VAL B 115 -61.66 -8.78 15.52
C VAL B 115 -62.85 -8.54 14.61
N PHE B 116 -62.71 -8.94 13.34
CA PHE B 116 -63.77 -8.86 12.35
C PHE B 116 -63.93 -10.23 11.69
N ILE B 117 -64.88 -10.33 10.76
CA ILE B 117 -65.07 -11.53 9.97
C ILE B 117 -65.74 -11.14 8.66
N PHE B 118 -65.40 -11.85 7.59
CA PHE B 118 -65.86 -11.52 6.25
C PHE B 118 -66.54 -12.73 5.62
N PRO B 119 -67.80 -12.62 5.23
CA PRO B 119 -68.46 -13.73 4.54
C PRO B 119 -68.05 -13.77 3.08
N PRO B 120 -68.04 -14.96 2.46
CA PRO B 120 -67.65 -15.07 1.06
C PRO B 120 -68.53 -14.21 0.16
N SER B 121 -67.87 -13.33 -0.61
CA SER B 121 -68.57 -12.58 -1.64
C SER B 121 -69.21 -13.53 -2.65
N ASP B 122 -70.25 -13.03 -3.31
CA ASP B 122 -70.98 -13.85 -4.28
C ASP B 122 -70.30 -13.89 -5.64
N GLU B 123 -69.45 -12.90 -5.94
CA GLU B 123 -68.63 -12.96 -7.14
C GLU B 123 -67.59 -14.07 -7.07
N GLN B 124 -67.27 -14.53 -5.86
CA GLN B 124 -66.37 -15.66 -5.64
C GLN B 124 -67.14 -16.97 -5.56
N LEU B 125 -68.34 -16.95 -4.97
CA LEU B 125 -69.18 -18.14 -4.92
C LEU B 125 -69.55 -18.62 -6.32
N LYS B 126 -69.63 -17.70 -7.28
CA LYS B 126 -69.96 -18.09 -8.65
C LYS B 126 -68.80 -18.76 -9.36
N SER B 127 -67.59 -18.69 -8.81
CA SER B 127 -66.43 -19.38 -9.36
C SER B 127 -66.17 -20.72 -8.69
N GLY B 128 -67.02 -21.14 -7.76
CA GLY B 128 -66.93 -22.46 -7.18
C GLY B 128 -66.21 -22.54 -5.85
N THR B 129 -65.76 -21.43 -5.29
CA THR B 129 -64.98 -21.43 -4.05
C THR B 129 -65.49 -20.36 -3.10
N ALA B 130 -65.52 -20.69 -1.80
CA ALA B 130 -65.87 -19.75 -0.76
C ALA B 130 -64.70 -19.64 0.22
N SER B 131 -64.14 -18.44 0.35
CA SER B 131 -63.06 -18.18 1.29
C SER B 131 -63.57 -17.22 2.37
N VAL B 132 -63.68 -17.71 3.60
CA VAL B 132 -64.02 -16.88 4.75
C VAL B 132 -62.73 -16.39 5.39
N VAL B 133 -62.72 -15.11 5.79
CA VAL B 133 -61.52 -14.47 6.32
C VAL B 133 -61.81 -13.98 7.73
N CYS B 134 -60.98 -14.40 8.69
CA CYS B 134 -61.03 -13.93 10.06
C CYS B 134 -59.90 -12.92 10.27
N LEU B 135 -60.24 -11.73 10.77
CA LEU B 135 -59.29 -10.62 10.84
C LEU B 135 -58.93 -10.31 12.28
N LEU B 136 -57.67 -9.95 12.50
CA LEU B 136 -57.14 -9.59 13.82
C LEU B 136 -56.31 -8.30 13.67
N ASN B 137 -56.96 -7.15 13.87
CA ASN B 137 -56.31 -5.86 13.72
C ASN B 137 -55.63 -5.42 15.01
N ASN B 138 -54.37 -4.98 14.89
CA ASN B 138 -53.67 -4.23 15.94
C ASN B 138 -53.60 -5.01 17.28
N PHE B 139 -52.93 -6.16 17.21
CA PHE B 139 -52.76 -7.05 18.36
C PHE B 139 -51.30 -7.46 18.47
N TYR B 140 -50.73 -7.42 19.66
CA TYR B 140 -49.46 -8.09 19.90
C TYR B 140 -49.31 -8.33 21.39
N PRO B 141 -48.33 -9.15 21.80
CA PRO B 141 -47.47 -10.04 21.02
C PRO B 141 -48.03 -11.46 20.85
N ARG B 142 -48.39 -11.83 19.63
CA ARG B 142 -48.95 -13.14 19.34
C ARG B 142 -48.55 -13.57 17.94
N GLU B 143 -48.52 -14.88 17.68
CA GLU B 143 -48.83 -16.15 18.36
C GLU B 143 -50.27 -16.31 18.83
N ALA B 144 -51.19 -16.26 17.89
CA ALA B 144 -52.52 -16.80 18.10
C ALA B 144 -52.57 -18.22 17.57
N LYS B 145 -53.31 -19.09 18.26
CA LYS B 145 -53.76 -20.34 17.70
C LYS B 145 -55.20 -20.16 17.26
N VAL B 146 -55.47 -20.35 15.98
CA VAL B 146 -56.79 -20.15 15.40
C VAL B 146 -57.32 -21.50 14.96
N GLN B 147 -58.54 -21.82 15.38
CA GLN B 147 -59.20 -23.07 15.02
C GLN B 147 -60.53 -22.75 14.36
N TRP B 148 -60.78 -23.41 13.23
CA TRP B 148 -61.98 -23.19 12.44
C TRP B 148 -63.03 -24.24 12.79
N LYS B 149 -64.27 -23.80 12.96
CA LYS B 149 -65.36 -24.67 13.39
C LYS B 149 -66.58 -24.42 12.54
N VAL B 150 -67.41 -25.45 12.41
CA VAL B 150 -68.64 -25.36 11.63
C VAL B 150 -69.82 -25.89 12.45
N LEU B 154 -65.63 -28.97 14.58
CA LEU B 154 -64.34 -28.41 14.19
C LEU B 154 -63.82 -29.08 12.92
N GLN B 155 -62.85 -28.42 12.28
CA GLN B 155 -62.05 -29.08 11.26
C GLN B 155 -60.73 -28.33 11.13
N SER B 156 -59.71 -29.06 10.68
CA SER B 156 -58.40 -28.49 10.38
C SER B 156 -57.93 -29.00 9.03
N GLY B 157 -57.30 -28.13 8.26
CA GLY B 157 -56.73 -28.55 6.99
C GLY B 157 -57.25 -27.79 5.79
N ASN B 158 -58.03 -26.73 6.04
CA ASN B 158 -58.65 -25.97 4.96
C ASN B 158 -58.39 -24.47 5.09
N SER B 159 -57.41 -24.06 5.90
CA SER B 159 -57.16 -22.66 6.13
C SER B 159 -55.69 -22.33 5.87
N GLN B 160 -55.39 -21.04 5.86
CA GLN B 160 -54.02 -20.55 5.72
C GLN B 160 -53.97 -19.14 6.30
N GLU B 161 -53.00 -18.90 7.18
CA GLU B 161 -52.89 -17.62 7.87
C GLU B 161 -51.82 -16.74 7.25
N SER B 162 -51.79 -15.49 7.70
CA SER B 162 -50.77 -14.53 7.28
C SER B 162 -50.72 -13.37 8.26
N VAL B 163 -49.55 -13.14 8.85
CA VAL B 163 -49.34 -12.03 9.76
C VAL B 163 -48.51 -10.96 9.05
N THR B 164 -48.92 -9.70 9.22
CA THR B 164 -48.16 -8.57 8.71
C THR B 164 -46.86 -8.40 9.49
N GLU B 165 -46.04 -7.46 9.03
CA GLU B 165 -44.86 -7.11 9.81
C GLU B 165 -45.23 -6.17 10.95
N GLN B 166 -44.31 -6.02 11.88
CA GLN B 166 -44.52 -5.14 13.02
C GLN B 166 -44.63 -3.69 12.56
N ASP B 167 -45.52 -2.93 13.21
CA ASP B 167 -45.70 -1.54 12.84
C ASP B 167 -44.53 -0.70 13.35
N SER B 168 -44.19 0.34 12.60
CA SER B 168 -43.00 1.14 12.89
C SER B 168 -43.30 2.36 13.76
N LYS B 169 -44.54 2.56 14.19
CA LYS B 169 -44.81 3.67 15.10
C LYS B 169 -45.54 3.26 16.36
N ASP B 170 -46.34 2.20 16.28
CA ASP B 170 -47.04 1.69 17.46
C ASP B 170 -46.79 0.22 17.72
N SER B 171 -45.92 -0.43 16.94
CA SER B 171 -45.32 -1.72 17.29
C SER B 171 -46.36 -2.85 17.36
N THR B 172 -47.34 -2.84 16.45
CA THR B 172 -48.41 -3.82 16.51
C THR B 172 -48.50 -4.63 15.21
N TYR B 173 -49.08 -5.83 15.34
CA TYR B 173 -49.21 -6.80 14.27
C TYR B 173 -50.59 -6.69 13.60
N SER B 174 -50.88 -7.64 12.70
CA SER B 174 -52.21 -7.88 12.15
C SER B 174 -52.24 -9.26 11.52
N LEU B 175 -53.38 -9.96 11.63
CA LEU B 175 -53.51 -11.36 11.22
C LEU B 175 -54.76 -11.58 10.38
N SER B 176 -54.62 -12.41 9.35
CA SER B 176 -55.75 -12.96 8.62
C SER B 176 -55.64 -14.47 8.56
N SER B 177 -56.80 -15.12 8.50
CA SER B 177 -56.92 -16.57 8.48
C SER B 177 -58.03 -16.93 7.51
N THR B 178 -57.71 -17.74 6.50
CA THR B 178 -58.55 -17.92 5.33
C THR B 178 -58.94 -19.37 5.16
N LEU B 179 -60.06 -19.77 5.76
CA LEU B 179 -60.66 -21.07 5.49
C LEU B 179 -61.16 -21.12 4.05
N THR B 180 -60.61 -22.03 3.26
CA THR B 180 -60.96 -22.17 1.84
C THR B 180 -61.83 -23.42 1.68
N LEU B 181 -63.11 -23.21 1.40
CA LEU B 181 -64.07 -24.28 1.19
C LEU B 181 -64.58 -24.26 -0.24
N SER B 182 -65.38 -25.27 -0.56
CA SER B 182 -66.06 -25.36 -1.85
C SER B 182 -67.42 -24.67 -1.78
N LYS B 183 -67.94 -24.34 -2.97
CA LYS B 183 -69.31 -23.81 -3.05
C LYS B 183 -70.31 -24.78 -2.44
N ALA B 184 -70.13 -26.08 -2.67
CA ALA B 184 -71.06 -27.07 -2.15
C ALA B 184 -71.06 -27.09 -0.62
N ASP B 185 -69.89 -26.98 -0.02
CA ASP B 185 -69.79 -27.02 1.44
C ASP B 185 -70.18 -25.70 2.11
N TYR B 186 -70.28 -24.60 1.35
CA TYR B 186 -70.61 -23.32 1.97
C TYR B 186 -72.09 -23.25 2.36
N GLU B 187 -72.98 -23.40 1.37
CA GLU B 187 -74.42 -23.37 1.65
C GLU B 187 -74.86 -24.56 2.48
N LYS B 188 -74.09 -25.66 2.45
CA LYS B 188 -74.46 -26.87 3.17
C LYS B 188 -74.53 -26.64 4.68
N HIS B 189 -73.58 -25.89 5.22
CA HIS B 189 -73.40 -25.76 6.67
C HIS B 189 -73.82 -24.38 7.14
N LYS B 190 -74.70 -24.34 8.14
CA LYS B 190 -75.19 -23.08 8.68
C LYS B 190 -74.09 -22.30 9.40
N VAL B 191 -73.26 -22.98 10.18
CA VAL B 191 -72.39 -22.35 11.17
C VAL B 191 -70.94 -22.44 10.72
N TYR B 192 -70.19 -21.36 10.92
CA TYR B 192 -68.77 -21.28 10.53
C TYR B 192 -68.09 -20.29 11.46
N ALA B 193 -67.12 -20.76 12.26
CA ALA B 193 -66.52 -19.96 13.31
C ALA B 193 -65.00 -20.05 13.27
N CYS B 194 -64.34 -19.00 13.77
CA CYS B 194 -62.88 -18.94 13.87
C CYS B 194 -62.51 -18.62 15.31
N GLU B 195 -62.12 -19.65 16.07
CA GLU B 195 -61.64 -19.44 17.43
C GLU B 195 -60.31 -18.69 17.43
N VAL B 196 -60.02 -18.03 18.54
CA VAL B 196 -58.78 -17.29 18.74
C VAL B 196 -58.30 -17.55 20.16
N THR B 197 -57.15 -16.96 20.51
CA THR B 197 -56.56 -17.04 21.83
C THR B 197 -55.49 -15.96 21.92
N HIS B 198 -55.47 -15.23 23.03
CA HIS B 198 -54.62 -14.05 23.15
C HIS B 198 -54.38 -13.74 24.62
N GLN B 199 -53.73 -12.60 24.87
CA GLN B 199 -53.46 -12.09 26.22
C GLN B 199 -54.25 -10.83 26.54
N GLY B 200 -54.46 -9.95 25.56
CA GLY B 200 -55.12 -8.69 25.79
C GLY B 200 -56.63 -8.78 25.74
N LEU B 201 -57.16 -10.00 25.88
CA LEU B 201 -58.59 -10.25 25.90
C LEU B 201 -58.94 -11.00 27.17
N SER B 202 -60.04 -10.59 27.81
CA SER B 202 -60.46 -11.24 29.06
C SER B 202 -60.97 -12.65 28.78
N SER B 203 -61.89 -12.78 27.83
CA SER B 203 -62.44 -14.05 27.41
C SER B 203 -62.35 -14.15 25.89
N PRO B 204 -62.47 -15.37 25.33
CA PRO B 204 -62.49 -15.52 23.88
C PRO B 204 -63.68 -14.82 23.22
N THR B 206 -64.55 -15.61 19.91
CA THR B 206 -65.20 -16.35 18.84
C THR B 206 -65.98 -15.43 17.93
N LYS B 207 -65.87 -15.65 16.61
CA LYS B 207 -66.53 -14.81 15.61
C LYS B 207 -67.02 -15.72 14.49
N SER B 208 -68.34 -15.95 14.45
CA SER B 208 -68.96 -16.81 13.46
C SER B 208 -69.95 -16.01 12.63
N PHE B 209 -70.56 -16.69 11.66
CA PHE B 209 -71.61 -16.08 10.84
C PHE B 209 -72.59 -17.18 10.44
N ASN B 210 -73.46 -16.87 9.47
CA ASN B 210 -74.49 -17.80 9.05
C ASN B 210 -74.88 -17.59 7.59
N GLN C 1 27.30 15.52 7.68
CA GLN C 1 27.69 14.38 6.87
C GLN C 1 27.47 13.07 7.63
N VAL C 2 26.87 12.09 6.95
CA VAL C 2 26.56 10.80 7.57
C VAL C 2 27.81 9.92 7.54
N GLN C 3 28.21 9.43 8.71
CA GLN C 3 29.40 8.61 8.86
C GLN C 3 29.10 7.40 9.73
N LEU C 4 29.74 6.28 9.40
CA LEU C 4 29.59 5.04 10.14
C LEU C 4 30.97 4.47 10.42
N GLN C 5 31.17 3.97 11.64
CA GLN C 5 32.46 3.49 12.09
C GLN C 5 32.27 2.16 12.82
N GLU C 6 32.95 1.12 12.34
CA GLU C 6 32.93 -0.18 13.00
C GLU C 6 34.08 -0.29 13.99
N SER C 7 33.80 -0.86 15.15
CA SER C 7 34.82 -1.10 16.16
C SER C 7 34.59 -2.47 16.78
N GLY C 8 35.67 -3.08 17.26
CA GLY C 8 35.61 -4.38 17.87
C GLY C 8 36.90 -5.16 17.67
N PRO C 9 37.06 -6.26 18.39
CA PRO C 9 38.29 -7.07 18.24
C PRO C 9 38.36 -7.71 16.87
N GLY C 10 39.56 -7.70 16.29
CA GLY C 10 39.78 -8.30 14.99
C GLY C 10 40.04 -9.79 14.99
N LEU C 11 40.18 -10.40 16.17
CA LEU C 11 40.54 -11.81 16.28
C LEU C 11 39.59 -12.50 17.24
N VAL C 12 38.99 -13.60 16.80
CA VAL C 12 38.10 -14.41 17.62
C VAL C 12 38.55 -15.87 17.52
N LYS C 13 38.38 -16.60 18.63
CA LYS C 13 38.66 -18.02 18.69
C LYS C 13 37.42 -18.82 18.34
N PRO C 14 37.59 -19.97 17.67
CA PRO C 14 36.43 -20.77 17.26
C PRO C 14 35.53 -21.12 18.44
N SER C 15 34.23 -21.19 18.14
CA SER C 15 33.14 -21.40 19.09
C SER C 15 32.88 -20.19 19.97
N GLY C 16 33.65 -19.10 19.83
CA GLY C 16 33.44 -17.91 20.62
C GLY C 16 32.49 -16.92 19.96
N THR C 17 32.11 -15.90 20.73
CA THR C 17 31.16 -14.90 20.28
C THR C 17 31.88 -13.72 19.63
N LEU C 18 31.48 -13.38 18.41
CA LEU C 18 31.94 -12.18 17.74
C LEU C 18 31.15 -10.97 18.24
N SER C 19 31.85 -9.86 18.50
CA SER C 19 31.21 -8.62 18.90
C SER C 19 31.73 -7.47 18.05
N LEU C 20 30.82 -6.57 17.67
CA LEU C 20 31.17 -5.37 16.92
C LEU C 20 30.16 -4.28 17.25
N THR C 21 30.63 -3.03 17.21
CA THR C 21 29.79 -1.87 17.44
C THR C 21 29.96 -0.89 16.28
N CYS C 22 28.86 -0.29 15.85
CA CYS C 22 28.88 0.72 14.79
C CYS C 22 28.53 2.06 15.41
N THR C 23 29.43 3.05 15.26
CA THR C 23 29.26 4.38 15.81
C THR C 23 28.79 5.31 14.70
N VAL C 24 27.54 5.75 14.79
CA VAL C 24 26.93 6.60 13.77
C VAL C 24 27.04 8.05 14.20
N SER C 25 27.66 8.87 13.35
CA SER C 25 27.59 10.32 13.47
C SER C 25 26.91 10.88 12.22
N GLY C 26 26.34 12.07 12.36
CA GLY C 26 25.66 12.72 11.27
C GLY C 26 24.25 12.22 10.99
N ALA C 27 23.76 11.28 11.80
CA ALA C 27 22.44 10.72 11.63
C ALA C 27 22.04 10.02 12.91
N SER C 28 20.78 10.18 13.32
CA SER C 28 20.26 9.57 14.52
C SER C 28 19.53 8.27 14.16
N ILE C 29 19.99 7.15 14.71
CA ILE C 29 19.34 5.88 14.44
C ILE C 29 17.98 5.79 15.12
N SER C 30 17.71 6.67 16.08
CA SER C 30 16.41 6.73 16.74
C SER C 30 15.34 7.40 15.88
N VAL C 31 15.75 8.18 14.88
CA VAL C 31 14.81 9.03 14.16
C VAL C 31 14.28 8.34 12.89
N GLY C 32 15.09 7.52 12.25
CA GLY C 32 14.64 6.87 11.02
C GLY C 32 15.75 6.04 10.41
N ASN C 33 15.45 5.54 9.21
CA ASN C 33 16.35 4.72 8.40
C ASN C 33 16.48 3.31 8.95
N TRP C 34 16.79 2.35 8.08
CA TRP C 34 17.14 1.01 8.50
C TRP C 34 18.66 0.90 8.60
N TRP C 35 19.12 0.27 9.67
CA TRP C 35 20.54 0.11 9.91
C TRP C 35 20.88 -1.37 9.94
N SER C 36 22.02 -1.72 9.37
CA SER C 36 22.25 -3.09 8.95
C SER C 36 23.73 -3.43 9.06
N TRP C 37 24.01 -4.73 9.00
CA TRP C 37 25.37 -5.25 8.93
C TRP C 37 25.52 -6.06 7.66
N VAL C 38 26.68 -5.94 7.03
CA VAL C 38 26.97 -6.63 5.77
C VAL C 38 28.40 -7.15 5.87
N ARG C 39 28.65 -8.28 5.22
CA ARG C 39 29.87 -9.03 5.44
C ARG C 39 30.43 -9.50 4.09
N GLN C 40 31.76 -9.57 4.00
CA GLN C 40 32.44 -9.91 2.76
C GLN C 40 33.72 -10.66 3.09
N PRO C 41 33.69 -11.99 3.03
CA PRO C 41 34.93 -12.77 3.18
C PRO C 41 35.98 -12.32 2.19
N PRO C 42 37.24 -12.23 2.61
CA PRO C 42 38.29 -11.68 1.73
C PRO C 42 38.45 -12.49 0.46
N GLY C 43 38.17 -11.85 -0.67
CA GLY C 43 38.23 -12.48 -1.97
C GLY C 43 36.88 -12.89 -2.53
N LYS C 44 35.87 -13.04 -1.67
CA LYS C 44 34.53 -13.43 -2.06
C LYS C 44 33.63 -12.18 -2.09
N GLY C 45 32.33 -12.40 -2.31
CA GLY C 45 31.39 -11.31 -2.44
C GLY C 45 30.70 -10.98 -1.14
N LEU C 46 29.59 -10.25 -1.25
CA LEU C 46 28.95 -9.60 -0.11
C LEU C 46 27.73 -10.37 0.34
N GLU C 47 27.52 -10.40 1.67
CA GLU C 47 26.42 -11.13 2.28
C GLU C 47 25.83 -10.28 3.40
N TRP C 48 24.51 -10.15 3.40
CA TRP C 48 23.81 -9.29 4.34
C TRP C 48 23.47 -10.07 5.61
N ILE C 49 23.78 -9.48 6.77
CA ILE C 49 23.63 -10.16 8.05
C ILE C 49 22.24 -9.91 8.64
N GLY C 50 21.91 -8.64 8.87
CA GLY C 50 20.64 -8.32 9.51
C GLY C 50 20.41 -6.83 9.50
N GLU C 51 19.25 -6.44 10.02
CA GLU C 51 18.83 -5.04 9.99
C GLU C 51 17.88 -4.77 11.14
N PHE C 52 17.82 -3.50 11.56
CA PHE C 52 16.85 -3.07 12.55
C PHE C 52 16.27 -1.72 12.16
N TYR C 53 15.10 -1.41 12.71
CA TYR C 53 14.46 -0.12 12.61
C TYR C 53 14.17 0.37 14.02
N HIS C 54 14.19 1.70 14.21
CA HIS C 54 14.05 2.26 15.55
C HIS C 54 12.70 1.91 16.17
N SER C 55 11.69 1.58 15.36
CA SER C 55 10.44 1.06 15.88
C SER C 55 10.61 -0.19 16.72
N GLY C 56 11.76 -0.86 16.61
CA GLY C 56 12.00 -2.13 17.27
C GLY C 56 12.07 -3.31 16.34
N LYS C 57 11.51 -3.20 15.13
CA LYS C 57 11.49 -4.32 14.20
C LYS C 57 12.91 -4.70 13.78
N THR C 58 13.19 -6.00 13.78
CA THR C 58 14.50 -6.53 13.47
C THR C 58 14.37 -7.74 12.56
N ASN C 59 15.22 -7.82 11.54
CA ASN C 59 15.24 -8.94 10.62
C ASN C 59 16.66 -9.48 10.50
N TYR C 60 16.77 -10.81 10.39
CA TYR C 60 18.06 -11.49 10.34
C TYR C 60 18.13 -12.38 9.10
N ASN C 61 19.36 -12.60 8.64
CA ASN C 61 19.60 -13.52 7.53
C ASN C 61 19.27 -14.94 7.96
N PRO C 62 18.33 -15.63 7.29
CA PRO C 62 17.98 -17.00 7.68
C PRO C 62 19.18 -17.93 7.87
N SER C 63 20.22 -17.80 7.04
CA SER C 63 21.39 -18.65 7.17
C SER C 63 22.18 -18.39 8.44
N LEU C 64 21.79 -17.39 9.25
CA LEU C 64 22.52 -17.04 10.45
C LEU C 64 21.63 -16.82 11.66
N LYS C 65 20.31 -17.02 11.54
CA LYS C 65 19.35 -16.56 12.53
C LYS C 65 19.68 -17.05 13.93
N SER C 66 20.03 -18.33 14.08
CA SER C 66 20.22 -18.91 15.40
C SER C 66 21.33 -18.21 16.17
N ARG C 67 22.34 -17.69 15.49
CA ARG C 67 23.54 -17.18 16.15
C ARG C 67 23.76 -15.68 15.99
N VAL C 68 22.81 -14.96 15.40
CA VAL C 68 22.94 -13.52 15.26
C VAL C 68 21.98 -12.84 16.23
N THR C 69 22.44 -11.76 16.83
CA THR C 69 21.58 -10.81 17.52
C THR C 69 22.08 -9.41 17.20
N ILE C 70 21.15 -8.47 17.11
CA ILE C 70 21.47 -7.06 16.87
C ILE C 70 20.82 -6.24 17.98
N SER C 71 21.64 -5.45 18.67
CA SER C 71 21.16 -4.61 19.76
C SER C 71 21.42 -3.15 19.41
N VAL C 72 20.72 -2.26 20.09
CA VAL C 72 20.74 -0.83 19.77
C VAL C 72 20.89 -0.04 21.05
N ASP C 73 21.80 0.92 21.05
CA ASP C 73 21.96 1.88 22.13
C ASP C 73 21.44 3.22 21.62
N LYS C 74 20.14 3.46 21.82
CA LYS C 74 19.54 4.72 21.38
C LYS C 74 20.21 5.92 22.02
N SER C 75 20.75 5.76 23.24
CA SER C 75 21.36 6.89 23.93
C SER C 75 22.80 7.14 23.50
N LYS C 76 23.49 6.11 23.00
CA LYS C 76 24.83 6.28 22.47
C LYS C 76 24.85 6.47 20.96
N ASN C 77 23.69 6.47 20.31
CA ASN C 77 23.58 6.48 18.85
C ASN C 77 24.51 5.44 18.23
N GLN C 78 24.32 4.19 18.66
CA GLN C 78 25.13 3.07 18.20
C GLN C 78 24.28 1.82 18.16
N PHE C 79 24.72 0.85 17.38
CA PHE C 79 24.12 -0.48 17.37
C PHE C 79 25.22 -1.51 17.25
N SER C 80 24.92 -2.72 17.72
CA SER C 80 25.91 -3.76 17.90
C SER C 80 25.54 -5.01 17.10
N LEU C 81 26.55 -5.86 16.88
CA LEU C 81 26.34 -7.16 16.26
C LEU C 81 26.99 -8.22 17.14
N LYS C 82 26.24 -9.28 17.43
CA LYS C 82 26.73 -10.38 18.24
C LYS C 82 26.59 -11.67 17.44
N LEU C 83 27.70 -12.37 17.27
CA LEU C 83 27.72 -13.58 16.47
C LEU C 83 28.31 -14.71 17.29
N SER C 84 27.47 -15.63 17.76
CA SER C 84 27.93 -16.74 18.58
C SER C 84 28.44 -17.90 17.72
N SER C 85 29.32 -18.70 18.32
CA SER C 85 29.76 -19.98 17.75
C SER C 85 30.32 -19.80 16.33
N VAL C 86 31.39 -19.02 16.24
CA VAL C 86 31.96 -18.67 14.95
C VAL C 86 33.04 -19.68 14.57
N THR C 87 33.04 -20.07 13.31
CA THR C 87 34.05 -20.92 12.71
C THR C 87 34.87 -20.09 11.72
N ALA C 88 35.84 -20.75 11.07
CA ALA C 88 36.72 -20.05 10.14
C ALA C 88 35.97 -19.51 8.93
N ALA C 89 34.74 -19.98 8.68
CA ALA C 89 33.96 -19.44 7.57
C ALA C 89 33.51 -18.00 7.85
N ASP C 90 33.37 -17.64 9.12
CA ASP C 90 32.92 -16.29 9.47
C ASP C 90 34.01 -15.24 9.35
N THR C 91 35.26 -15.63 9.09
CA THR C 91 36.31 -14.66 8.83
C THR C 91 35.93 -13.78 7.65
N ALA C 92 35.76 -12.49 7.90
CA ALA C 92 35.39 -11.57 6.84
C ALA C 92 35.64 -10.13 7.28
N VAL C 93 35.63 -9.23 6.30
CA VAL C 93 35.47 -7.80 6.56
C VAL C 93 33.99 -7.54 6.83
N TYR C 94 33.71 -6.85 7.93
CA TYR C 94 32.35 -6.59 8.35
C TYR C 94 32.03 -5.10 8.21
N TYR C 95 30.86 -4.80 7.66
CA TYR C 95 30.42 -3.43 7.42
C TYR C 95 29.09 -3.19 8.13
N CYS C 96 28.95 -2.01 8.73
CA CYS C 96 27.63 -1.50 9.06
C CYS C 96 27.21 -0.52 7.98
N ALA C 97 25.89 -0.40 7.78
CA ALA C 97 25.38 0.29 6.61
C ALA C 97 24.00 0.87 6.91
N ARG C 98 23.71 1.98 6.25
CA ARG C 98 22.41 2.63 6.35
C ARG C 98 21.61 2.39 5.07
N SER C 99 20.28 2.32 5.23
CA SER C 99 19.37 2.12 4.12
C SER C 99 18.44 3.32 4.02
N ASP C 100 18.26 3.84 2.82
CA ASP C 100 17.42 5.01 2.59
C ASP C 100 16.48 4.73 1.42
N LEU C 101 15.28 5.33 1.49
CA LEU C 101 14.35 5.27 0.38
C LEU C 101 14.87 6.00 -0.86
N LEU C 102 15.79 6.94 -0.67
CA LEU C 102 16.38 7.75 -1.76
C LEU C 102 15.24 8.52 -2.43
N THR C 103 15.26 8.68 -3.75
CA THR C 103 14.25 9.49 -4.44
C THR C 103 12.90 8.80 -4.56
N GLY C 104 12.72 7.62 -3.97
CA GLY C 104 11.46 6.91 -4.16
C GLY C 104 10.68 6.66 -2.88
N TYR C 105 9.83 5.63 -2.91
CA TYR C 105 8.99 5.28 -1.78
C TYR C 105 9.22 3.87 -1.27
N PHE C 106 9.71 2.95 -2.10
CA PHE C 106 10.02 1.59 -1.69
C PHE C 106 10.88 0.97 -2.77
N PRO C 107 11.88 0.15 -2.41
CA PRO C 107 12.37 -0.19 -1.08
C PRO C 107 13.48 0.74 -0.59
N TYR C 108 14.19 0.34 0.45
CA TYR C 108 15.36 1.05 0.94
C TYR C 108 16.61 0.53 0.22
N TYR C 109 17.50 1.44 -0.13
CA TYR C 109 18.77 1.08 -0.76
C TYR C 109 19.93 1.49 0.14
N PHE C 110 21.01 0.72 0.09
CA PHE C 110 22.17 0.94 0.95
C PHE C 110 23.03 2.06 0.36
N ASP C 111 23.03 3.23 1.01
CA ASP C 111 23.70 4.39 0.48
C ASP C 111 24.91 4.85 1.30
N TYR C 112 25.03 4.43 2.56
CA TYR C 112 26.15 4.83 3.40
C TYR C 112 26.74 3.59 4.06
N TRP C 113 28.06 3.47 3.99
CA TRP C 113 28.80 2.35 4.55
C TRP C 113 29.89 2.86 5.49
N GLY C 114 30.27 2.01 6.43
CA GLY C 114 31.47 2.25 7.19
C GLY C 114 32.70 1.74 6.45
N GLN C 115 33.87 2.06 7.00
CA GLN C 115 35.11 1.61 6.37
C GLN C 115 35.28 0.10 6.42
N GLY C 116 34.57 -0.58 7.32
CA GLY C 116 34.70 -2.02 7.45
C GLY C 116 35.85 -2.41 8.34
N THR C 117 35.66 -3.47 9.13
CA THR C 117 36.71 -4.00 9.97
C THR C 117 36.87 -5.49 9.69
N LEU C 118 38.13 -5.93 9.56
CA LEU C 118 38.40 -7.34 9.35
C LEU C 118 38.32 -8.09 10.67
N VAL C 119 37.52 -9.15 10.70
CA VAL C 119 37.48 -10.08 11.80
C VAL C 119 37.87 -11.45 11.27
N THR C 120 38.95 -12.01 11.79
CA THR C 120 39.41 -13.33 11.42
C THR C 120 39.18 -14.29 12.59
N VAL C 121 38.84 -15.53 12.27
CA VAL C 121 38.58 -16.55 13.28
C VAL C 121 39.71 -17.57 13.18
N SER C 122 40.50 -17.65 14.24
CA SER C 122 41.63 -18.59 14.27
C SER C 122 41.96 -18.92 15.71
N SER C 123 42.83 -19.91 15.88
CA SER C 123 43.29 -20.35 17.19
C SER C 123 44.79 -20.15 17.38
N ALA C 124 45.48 -19.56 16.41
CA ALA C 124 46.93 -19.51 16.41
C ALA C 124 47.43 -18.25 17.11
N SER C 125 48.59 -18.36 17.73
CA SER C 125 49.17 -17.30 18.52
C SER C 125 50.24 -16.55 17.73
N THR C 126 50.54 -15.35 18.18
CA THR C 126 51.49 -14.48 17.49
C THR C 126 52.87 -15.13 17.41
N LYS C 127 53.32 -15.40 16.19
CA LYS C 127 54.64 -15.96 15.95
C LYS C 127 55.35 -15.12 14.90
N GLY C 128 56.60 -14.73 15.18
CA GLY C 128 57.41 -14.12 14.16
C GLY C 128 57.77 -15.14 13.11
N PRO C 129 58.20 -14.68 11.93
CA PRO C 129 58.46 -15.61 10.83
C PRO C 129 59.91 -16.09 10.79
N SER C 130 60.13 -17.13 10.01
CA SER C 130 61.44 -17.58 9.58
C SER C 130 61.60 -17.22 8.12
N VAL C 131 62.57 -16.36 7.80
CA VAL C 131 62.77 -15.87 6.45
C VAL C 131 64.06 -16.46 5.92
N PHE C 132 63.99 -17.06 4.74
CA PHE C 132 64.99 -18.02 4.30
C PHE C 132 65.43 -17.69 2.87
N PRO C 133 66.72 -17.83 2.57
CA PRO C 133 67.23 -17.37 1.27
C PRO C 133 66.68 -18.19 0.11
N LEU C 134 66.25 -17.48 -0.95
CA LEU C 134 65.92 -18.10 -2.23
C LEU C 134 67.15 -17.93 -3.13
N ALA C 135 68.09 -18.86 -2.98
CA ALA C 135 69.37 -18.76 -3.68
C ALA C 135 69.17 -18.56 -5.17
N PRO C 136 69.84 -17.58 -5.79
CA PRO C 136 69.72 -17.37 -7.24
C PRO C 136 70.58 -18.37 -8.00
N SER C 137 70.00 -18.96 -9.04
CA SER C 137 70.69 -19.89 -9.91
C SER C 137 72.03 -19.37 -10.41
N THR C 145 68.91 -11.54 -17.22
CA THR C 145 67.95 -11.43 -16.12
C THR C 145 68.04 -12.63 -15.19
N ALA C 146 68.17 -12.34 -13.89
CA ALA C 146 68.29 -13.37 -12.87
C ALA C 146 67.41 -12.99 -11.68
N ALA C 147 66.74 -13.98 -11.11
CA ALA C 147 65.76 -13.76 -10.05
C ALA C 147 66.33 -14.20 -8.70
N LEU C 148 66.10 -13.36 -7.68
CA LEU C 148 66.42 -13.68 -6.29
C LEU C 148 65.23 -13.33 -5.42
N GLY C 149 65.07 -14.05 -4.30
CA GLY C 149 63.89 -13.90 -3.48
C GLY C 149 64.12 -14.20 -2.02
N CYS C 150 63.08 -13.93 -1.22
CA CYS C 150 63.05 -14.28 0.20
C CYS C 150 61.75 -15.03 0.51
N LEU C 151 61.81 -15.94 1.48
CA LEU C 151 60.71 -16.84 1.82
C LEU C 151 60.28 -16.59 3.27
N VAL C 152 59.19 -15.84 3.45
CA VAL C 152 58.66 -15.51 4.77
C VAL C 152 57.65 -16.57 5.16
N LYS C 153 57.98 -17.38 6.17
CA LYS C 153 57.20 -18.56 6.53
C LYS C 153 56.84 -18.54 8.01
N ASP C 154 55.68 -19.11 8.34
CA ASP C 154 55.23 -19.34 9.71
C ASP C 154 55.16 -18.04 10.53
N TYR C 155 54.30 -17.13 10.09
CA TYR C 155 54.01 -15.93 10.86
C TYR C 155 52.50 -15.75 11.02
N PHE C 156 52.12 -15.08 12.12
CA PHE C 156 50.74 -14.74 12.45
C PHE C 156 50.79 -13.60 13.43
N PRO C 157 49.87 -12.62 13.35
CA PRO C 157 48.81 -12.42 12.36
C PRO C 157 49.34 -11.88 11.03
N GLU C 158 48.44 -11.68 10.07
CA GLU C 158 48.85 -11.53 8.67
C GLU C 158 49.71 -10.31 8.35
N PRO C 159 49.45 -9.09 8.84
CA PRO C 159 50.13 -7.93 8.27
C PRO C 159 51.65 -7.99 8.42
N VAL C 160 52.33 -8.05 7.27
CA VAL C 160 53.79 -8.07 7.22
C VAL C 160 54.25 -7.22 6.03
N THR C 161 55.29 -6.43 6.25
CA THR C 161 55.92 -5.64 5.19
C THR C 161 57.27 -6.24 4.83
N VAL C 162 57.61 -6.22 3.55
CA VAL C 162 58.87 -6.75 3.06
C VAL C 162 59.44 -5.80 2.02
N SER C 163 60.72 -5.42 2.20
CA SER C 163 61.42 -4.51 1.30
C SER C 163 62.72 -5.15 0.85
N TRP C 164 63.39 -4.47 -0.08
CA TRP C 164 64.66 -4.93 -0.63
C TRP C 164 65.67 -3.79 -0.53
N ASN C 165 66.74 -4.02 0.24
CA ASN C 165 67.81 -3.02 0.43
C ASN C 165 67.26 -1.75 1.05
N SER C 166 66.28 -1.89 1.96
CA SER C 166 65.67 -0.79 2.69
C SER C 166 65.00 0.22 1.76
N GLY C 167 64.55 -0.25 0.59
CA GLY C 167 63.78 0.57 -0.33
C GLY C 167 64.53 1.01 -1.57
N ALA C 168 65.83 0.72 -1.67
CA ALA C 168 66.60 1.04 -2.87
C ALA C 168 66.32 0.09 -4.03
N LEU C 169 65.34 -0.80 -3.88
CA LEU C 169 64.99 -1.77 -4.93
C LEU C 169 63.47 -1.92 -4.94
N THR C 170 62.81 -1.15 -5.81
CA THR C 170 61.37 -1.27 -6.01
C THR C 170 60.99 -1.69 -7.42
N SER C 171 61.90 -1.61 -8.39
CA SER C 171 61.62 -2.02 -9.76
C SER C 171 61.69 -3.52 -9.89
N GLY C 172 60.62 -4.13 -10.38
CA GLY C 172 60.59 -5.57 -10.57
C GLY C 172 60.36 -6.37 -9.31
N VAL C 173 59.96 -5.74 -8.21
CA VAL C 173 59.72 -6.43 -6.96
C VAL C 173 58.25 -6.85 -6.91
N HIS C 174 58.01 -8.14 -6.80
CA HIS C 174 56.66 -8.69 -6.65
C HIS C 174 56.56 -9.30 -5.25
N THR C 175 55.87 -8.61 -4.35
CA THR C 175 55.55 -9.16 -3.04
C THR C 175 54.15 -9.77 -3.13
N PHE C 176 54.11 -11.10 -3.10
CA PHE C 176 52.87 -11.83 -3.31
C PHE C 176 51.93 -11.69 -2.10
N PRO C 177 50.65 -11.99 -2.27
CA PRO C 177 49.74 -12.00 -1.12
C PRO C 177 50.09 -13.11 -0.14
N ALA C 178 49.64 -12.93 1.10
CA ALA C 178 49.90 -13.91 2.15
C ALA C 178 49.05 -15.15 1.97
N VAL C 179 49.68 -16.32 2.13
CA VAL C 179 49.03 -17.62 1.93
C VAL C 179 48.91 -18.31 3.28
N LEU C 180 47.71 -18.80 3.58
CA LEU C 180 47.42 -19.50 4.83
C LEU C 180 47.75 -20.98 4.68
N GLN C 181 48.65 -21.48 5.53
CA GLN C 181 48.99 -22.90 5.54
C GLN C 181 48.01 -23.67 6.42
N SER C 182 48.14 -25.00 6.38
CA SER C 182 47.31 -25.86 7.23
C SER C 182 47.69 -25.79 8.69
N SER C 183 48.82 -25.17 9.03
CA SER C 183 49.24 -24.98 10.41
C SER C 183 48.64 -23.75 11.04
N GLY C 184 47.81 -23.00 10.32
CA GLY C 184 47.25 -21.76 10.81
C GLY C 184 48.17 -20.57 10.65
N LEU C 185 49.39 -20.77 10.15
CA LEU C 185 50.35 -19.70 9.94
C LEU C 185 50.33 -19.26 8.49
N TYR C 186 50.65 -17.99 8.27
CA TYR C 186 50.70 -17.42 6.92
C TYR C 186 52.07 -17.65 6.30
N SER C 187 52.10 -17.56 4.97
CA SER C 187 53.35 -17.67 4.21
C SER C 187 53.43 -16.55 3.19
N LEU C 188 54.67 -16.09 2.96
CA LEU C 188 54.93 -14.98 2.05
C LEU C 188 56.11 -15.31 1.15
N SER C 189 56.02 -14.88 -0.10
CA SER C 189 57.15 -14.96 -1.04
C SER C 189 57.34 -13.60 -1.69
N SER C 190 58.55 -13.06 -1.58
CA SER C 190 58.92 -11.82 -2.26
C SER C 190 60.11 -12.10 -3.17
N VAL C 191 60.05 -11.59 -4.40
CA VAL C 191 61.07 -11.86 -5.42
C VAL C 191 61.40 -10.56 -6.15
N VAL C 192 62.47 -10.62 -6.94
CA VAL C 192 62.89 -9.49 -7.77
C VAL C 192 63.81 -10.03 -8.86
N THR C 193 63.81 -9.37 -10.02
CA THR C 193 64.64 -9.75 -11.14
C THR C 193 65.76 -8.74 -11.34
N VAL C 194 66.97 -9.24 -11.54
CA VAL C 194 68.15 -8.39 -11.68
C VAL C 194 69.01 -8.94 -12.80
N PRO C 195 69.83 -8.09 -13.42
CA PRO C 195 70.78 -8.58 -14.42
C PRO C 195 71.84 -9.47 -13.80
N SER C 196 72.26 -10.49 -14.56
CA SER C 196 73.22 -11.49 -14.09
C SER C 196 74.59 -10.93 -13.82
N SER C 197 74.89 -9.70 -14.27
CA SER C 197 76.21 -9.12 -14.05
C SER C 197 76.43 -8.75 -12.58
N SER C 198 75.35 -8.46 -11.85
CA SER C 198 75.48 -7.95 -10.49
C SER C 198 75.82 -9.04 -9.48
N LEU C 199 75.62 -10.31 -9.82
CA LEU C 199 75.91 -11.40 -8.90
C LEU C 199 77.41 -11.52 -8.61
N TYR C 204 71.99 -8.52 -2.25
CA TYR C 204 70.63 -8.06 -2.02
C TYR C 204 70.10 -8.54 -0.68
N ILE C 205 69.81 -7.61 0.22
CA ILE C 205 69.30 -7.91 1.55
C ILE C 205 67.84 -7.48 1.61
N CYS C 206 66.95 -8.45 1.88
CA CYS C 206 65.54 -8.15 2.10
C CYS C 206 65.30 -7.88 3.57
N ASN C 207 64.38 -6.95 3.86
CA ASN C 207 63.98 -6.64 5.23
C ASN C 207 62.55 -7.10 5.43
N VAL C 208 62.36 -7.97 6.43
CA VAL C 208 61.04 -8.51 6.76
C VAL C 208 60.65 -7.98 8.12
N ASN C 209 59.69 -7.06 8.16
CA ASN C 209 59.15 -6.54 9.41
C ASN C 209 57.73 -7.06 9.58
N HIS C 210 57.50 -7.78 10.67
CA HIS C 210 56.20 -8.34 11.02
C HIS C 210 55.70 -7.59 12.25
N LYS C 211 54.76 -6.67 12.05
CA LYS C 211 54.47 -5.63 13.05
C LYS C 211 54.26 -6.14 14.46
N PRO C 212 53.34 -7.14 14.75
CA PRO C 212 53.27 -7.68 16.12
C PRO C 212 54.30 -8.78 16.37
N SER C 213 55.53 -8.53 15.95
CA SER C 213 56.69 -9.37 16.19
C SER C 213 57.90 -8.53 15.79
N ASN C 214 59.08 -9.13 15.77
CA ASN C 214 60.19 -8.50 15.05
C ASN C 214 61.13 -9.57 14.53
N THR C 215 61.81 -9.24 13.43
CA THR C 215 62.82 -10.08 12.82
C THR C 215 63.47 -9.29 11.68
N LYS C 216 64.52 -9.88 11.12
CA LYS C 216 65.15 -9.49 9.86
C LYS C 216 66.16 -10.56 9.52
N VAL C 217 66.49 -10.68 8.24
CA VAL C 217 67.50 -11.62 7.75
C VAL C 217 68.11 -11.00 6.50
N ASP C 218 69.29 -11.48 6.13
CA ASP C 218 69.99 -10.96 4.96
C ASP C 218 69.48 -11.59 3.67
N ILE D 2 14.91 -14.88 -5.14
CA ILE D 2 15.75 -15.59 -4.17
C ILE D 2 17.18 -15.64 -4.67
N GLN D 3 17.35 -16.07 -5.93
CA GLN D 3 18.66 -16.33 -6.50
C GLN D 3 19.03 -15.23 -7.49
N LEU D 4 20.29 -14.84 -7.50
CA LEU D 4 20.80 -13.78 -8.37
C LEU D 4 22.11 -14.24 -8.99
N THR D 5 22.16 -14.24 -10.32
CA THR D 5 23.33 -14.66 -11.07
C THR D 5 23.85 -13.50 -11.90
N GLN D 6 25.14 -13.18 -11.73
CA GLN D 6 25.79 -12.16 -12.53
C GLN D 6 26.52 -12.84 -13.69
N SER D 7 26.30 -12.33 -14.91
CA SER D 7 26.62 -13.12 -16.10
C SER D 7 28.12 -13.32 -16.29
N PRO D 8 28.95 -12.28 -16.47
CA PRO D 8 30.39 -12.54 -16.54
C PRO D 8 31.03 -12.52 -15.16
N SER D 9 31.78 -13.56 -14.81
CA SER D 9 32.54 -13.51 -13.56
C SER D 9 33.78 -12.64 -13.69
N PHE D 10 34.43 -12.69 -14.84
CA PHE D 10 35.62 -11.89 -15.13
C PHE D 10 35.47 -11.28 -16.51
N LEU D 11 36.19 -10.18 -16.74
CA LEU D 11 36.15 -9.54 -18.05
C LEU D 11 37.38 -8.67 -18.24
N SER D 12 38.14 -8.94 -19.31
CA SER D 12 39.22 -8.07 -19.74
C SER D 12 38.68 -7.09 -20.78
N ALA D 13 39.05 -5.82 -20.62
CA ALA D 13 38.55 -4.79 -21.53
C ALA D 13 39.49 -3.60 -21.50
N SER D 14 39.84 -3.10 -22.68
CA SER D 14 40.70 -1.93 -22.80
C SER D 14 39.96 -0.67 -22.38
N VAL D 15 40.74 0.38 -22.11
CA VAL D 15 40.16 1.70 -21.86
C VAL D 15 39.47 2.19 -23.12
N GLY D 16 38.21 2.62 -22.97
CA GLY D 16 37.44 3.03 -24.13
C GLY D 16 36.32 2.08 -24.51
N ASP D 17 36.54 0.78 -24.31
CA ASP D 17 35.58 -0.27 -24.64
C ASP D 17 34.22 -0.05 -23.99
N ARG D 18 33.18 -0.65 -24.56
CA ARG D 18 31.87 -0.73 -23.92
C ARG D 18 31.76 -2.05 -23.17
N VAL D 19 31.27 -1.99 -21.92
CA VAL D 19 31.04 -3.18 -21.10
C VAL D 19 29.55 -3.41 -20.90
N THR D 20 29.19 -4.68 -20.84
CA THR D 20 27.85 -5.13 -20.53
C THR D 20 27.94 -6.18 -19.43
N ILE D 21 27.17 -6.00 -18.37
CA ILE D 21 27.10 -6.95 -17.27
C ILE D 21 25.63 -7.25 -17.01
N THR D 22 25.29 -8.53 -16.93
CA THR D 22 23.90 -8.96 -16.80
C THR D 22 23.67 -9.60 -15.44
N CYS D 23 22.45 -9.43 -14.93
CA CYS D 23 22.02 -10.03 -13.66
C CYS D 23 20.66 -10.68 -13.88
N ARG D 24 20.50 -11.89 -13.35
CA ARG D 24 19.33 -12.72 -13.63
C ARG D 24 18.71 -13.19 -12.32
N ALA D 25 17.49 -12.74 -12.07
CA ALA D 25 16.74 -13.11 -10.87
C ALA D 25 15.89 -14.35 -11.12
N SER D 26 15.91 -15.28 -10.16
CA SER D 26 15.11 -16.49 -10.28
C SER D 26 13.62 -16.22 -10.11
N GLN D 27 13.22 -15.02 -9.73
CA GLN D 27 11.83 -14.61 -9.65
C GLN D 27 11.75 -13.12 -9.91
N GLY D 28 10.54 -12.65 -10.25
CA GLY D 28 10.34 -11.24 -10.50
C GLY D 28 10.68 -10.39 -9.30
N ILE D 29 11.57 -9.41 -9.49
CA ILE D 29 11.92 -8.48 -8.41
C ILE D 29 11.63 -7.05 -8.86
N SER D 30 10.65 -6.91 -9.76
CA SER D 30 10.31 -5.62 -10.35
C SER D 30 11.54 -4.84 -10.78
N SER D 31 11.58 -3.54 -10.48
CA SER D 31 12.75 -2.70 -10.71
C SER D 31 13.60 -2.55 -9.46
N TYR D 32 13.45 -3.46 -8.49
CA TYR D 32 14.06 -3.30 -7.17
C TYR D 32 15.46 -3.93 -7.17
N LEU D 33 16.37 -3.24 -7.85
CA LEU D 33 17.73 -3.73 -8.03
C LEU D 33 18.70 -2.55 -8.00
N ALA D 34 19.92 -2.82 -7.55
CA ALA D 34 20.94 -1.79 -7.40
C ALA D 34 22.29 -2.32 -7.86
N TRP D 35 23.13 -1.42 -8.32
CA TRP D 35 24.46 -1.76 -8.81
C TRP D 35 25.52 -1.02 -8.00
N TYR D 36 26.64 -1.70 -7.74
CA TYR D 36 27.72 -1.13 -6.94
C TYR D 36 29.05 -1.35 -7.64
N GLN D 37 29.95 -0.39 -7.50
CA GLN D 37 31.35 -0.57 -7.81
C GLN D 37 32.13 -0.68 -6.51
N GLN D 38 33.17 -1.51 -6.50
CA GLN D 38 33.98 -1.71 -5.31
C GLN D 38 35.44 -1.74 -5.70
N LYS D 39 36.19 -0.78 -5.23
CA LYS D 39 37.62 -0.87 -5.48
C LYS D 39 38.31 -1.59 -4.33
N PRO D 40 39.43 -2.26 -4.60
CA PRO D 40 40.06 -3.11 -3.58
C PRO D 40 40.29 -2.38 -2.26
N GLY D 41 39.87 -3.02 -1.18
CA GLY D 41 40.05 -2.47 0.15
C GLY D 41 39.08 -1.40 0.55
N LYS D 42 37.94 -1.28 -0.14
CA LYS D 42 37.01 -0.18 0.05
C LYS D 42 35.59 -0.74 0.09
N ALA D 43 34.66 0.07 0.59
CA ALA D 43 33.29 -0.37 0.72
C ALA D 43 32.53 -0.16 -0.59
N PRO D 44 31.52 -0.99 -0.86
CA PRO D 44 30.72 -0.83 -2.08
C PRO D 44 30.15 0.59 -2.20
N LYS D 45 30.32 1.17 -3.38
CA LYS D 45 29.80 2.50 -3.70
C LYS D 45 28.63 2.34 -4.64
N LEU D 46 27.48 2.91 -4.26
CA LEU D 46 26.24 2.75 -5.02
C LEU D 46 26.29 3.61 -6.27
N LEU D 47 26.30 2.96 -7.44
CA LEU D 47 26.23 3.65 -8.73
C LEU D 47 24.81 3.82 -9.21
N ILE D 48 23.97 2.79 -9.07
CA ILE D 48 22.67 2.74 -9.71
C ILE D 48 21.71 2.03 -8.76
N TYR D 49 20.54 2.63 -8.54
CA TYR D 49 19.46 2.00 -7.80
C TYR D 49 18.18 2.08 -8.60
N ALA D 50 17.19 1.30 -8.18
CA ALA D 50 15.93 1.08 -8.91
C ALA D 50 16.19 0.62 -10.34
N ALA D 51 17.40 0.12 -10.58
CA ALA D 51 17.84 -0.59 -11.77
C ALA D 51 18.01 0.32 -12.98
N SER D 52 17.62 1.60 -12.85
CA SER D 52 17.95 2.58 -13.88
C SER D 52 18.34 3.96 -13.36
N THR D 53 18.43 4.17 -12.05
CA THR D 53 18.59 5.51 -11.50
C THR D 53 20.02 5.70 -11.01
N LEU D 54 20.70 6.70 -11.56
CA LEU D 54 22.03 7.06 -11.09
C LEU D 54 21.95 7.68 -9.70
N GLN D 55 22.90 7.31 -8.84
CA GLN D 55 23.11 8.07 -7.61
C GLN D 55 23.72 9.42 -7.97
N SER D 56 23.54 10.40 -7.08
CA SER D 56 24.08 11.72 -7.36
C SER D 56 25.60 11.65 -7.48
N GLY D 57 26.11 12.09 -8.63
CA GLY D 57 27.54 12.19 -8.87
C GLY D 57 28.17 11.06 -9.67
N VAL D 58 27.51 9.91 -9.81
CA VAL D 58 28.10 8.86 -10.63
C VAL D 58 27.98 9.26 -12.10
N PRO D 59 29.04 9.11 -12.91
CA PRO D 59 29.06 9.77 -14.22
C PRO D 59 28.06 9.17 -15.21
N SER D 60 27.84 9.95 -16.28
CA SER D 60 26.90 9.57 -17.33
C SER D 60 27.27 8.24 -17.99
N ARG D 61 28.57 7.94 -18.07
CA ARG D 61 29.01 6.71 -18.73
C ARG D 61 28.33 5.46 -18.20
N PHE D 62 27.86 5.48 -16.96
CA PHE D 62 27.14 4.35 -16.41
C PHE D 62 25.65 4.46 -16.74
N SER D 63 25.00 3.31 -16.87
CA SER D 63 23.57 3.25 -17.13
C SER D 63 23.10 1.83 -16.87
N GLY D 64 21.88 1.69 -16.37
CA GLY D 64 21.28 0.39 -16.18
C GLY D 64 19.87 0.35 -16.72
N SER D 65 19.47 -0.82 -17.20
CA SER D 65 18.11 -1.07 -17.64
C SER D 65 17.67 -2.43 -17.14
N GLY D 66 16.46 -2.51 -16.61
CA GLY D 66 15.87 -3.81 -16.37
C GLY D 66 14.53 -3.81 -15.68
N SER D 67 13.76 -4.86 -15.93
CA SER D 67 12.57 -5.19 -15.14
C SER D 67 12.33 -6.68 -15.29
N GLY D 68 11.73 -7.28 -14.27
CA GLY D 68 11.33 -8.67 -14.37
C GLY D 68 12.42 -9.67 -14.71
N THR D 69 13.38 -9.84 -13.80
CA THR D 69 14.38 -10.91 -13.74
C THR D 69 15.55 -10.75 -14.71
N GLU D 70 15.60 -9.72 -15.55
CA GLU D 70 16.74 -9.51 -16.43
C GLU D 70 17.19 -8.06 -16.30
N PHE D 71 18.43 -7.87 -15.85
CA PHE D 71 18.98 -6.55 -15.59
C PHE D 71 20.37 -6.44 -16.19
N THR D 72 20.73 -5.24 -16.64
CA THR D 72 21.99 -5.02 -17.32
C THR D 72 22.58 -3.69 -16.89
N LEU D 73 23.89 -3.69 -16.63
CA LEU D 73 24.64 -2.47 -16.37
C LEU D 73 25.64 -2.28 -17.50
N THR D 74 25.69 -1.06 -18.03
CA THR D 74 26.54 -0.73 -19.18
C THR D 74 27.47 0.40 -18.81
N ILE D 75 28.75 0.25 -19.17
CA ILE D 75 29.73 1.34 -19.09
C ILE D 75 30.20 1.61 -20.51
N SER D 76 29.82 2.77 -21.05
CA SER D 76 30.35 3.26 -22.30
C SER D 76 31.62 4.06 -22.03
N SER D 77 32.60 3.94 -22.94
CA SER D 77 33.85 4.69 -22.84
C SER D 77 34.56 4.44 -21.50
N LEU D 78 34.95 3.18 -21.29
CA LEU D 78 35.66 2.78 -20.09
C LEU D 78 36.83 3.71 -19.78
N GLN D 79 37.08 3.88 -18.49
CA GLN D 79 38.19 4.69 -18.02
C GLN D 79 39.12 3.85 -17.16
N PRO D 80 40.32 4.35 -16.84
CA PRO D 80 41.14 3.65 -15.84
C PRO D 80 40.50 3.54 -14.47
N GLU D 81 39.62 4.48 -14.13
CA GLU D 81 39.05 4.58 -12.78
C GLU D 81 37.94 3.57 -12.53
N ASP D 82 37.76 2.57 -13.40
CA ASP D 82 36.69 1.60 -13.23
C ASP D 82 37.21 0.17 -13.09
N PHE D 83 38.49 -0.02 -12.77
CA PHE D 83 38.91 -1.35 -12.34
C PHE D 83 38.25 -1.64 -11.01
N ALA D 84 37.27 -2.52 -11.02
CA ALA D 84 36.51 -2.83 -9.81
C ALA D 84 35.75 -4.12 -10.01
N THR D 85 35.45 -4.79 -8.91
CA THR D 85 34.39 -5.77 -8.92
C THR D 85 33.06 -5.03 -8.87
N TYR D 86 32.06 -5.57 -9.54
CA TYR D 86 30.74 -4.96 -9.58
C TYR D 86 29.71 -5.99 -9.11
N TYR D 87 28.72 -5.52 -8.36
CA TYR D 87 27.68 -6.39 -7.82
C TYR D 87 26.32 -5.79 -8.11
N CYS D 88 25.39 -6.59 -8.62
CA CYS D 88 23.98 -6.24 -8.51
C CYS D 88 23.52 -6.44 -7.07
N GLN D 89 22.28 -6.06 -6.79
CA GLN D 89 21.70 -6.37 -5.49
C GLN D 89 20.18 -6.37 -5.63
N ARG D 90 19.58 -7.47 -5.22
CA ARG D 90 18.13 -7.58 -5.15
C ARG D 90 17.64 -7.02 -3.83
N LEU D 91 16.70 -6.07 -3.88
CA LEU D 91 16.23 -5.37 -2.70
C LEU D 91 14.72 -5.45 -2.54
N ASN D 92 14.11 -6.51 -3.07
CA ASN D 92 12.66 -6.67 -2.92
C ASN D 92 12.31 -7.30 -1.58
N SER D 93 13.13 -8.21 -1.08
CA SER D 93 12.87 -8.87 0.19
C SER D 93 14.20 -9.18 0.88
N TYR D 94 14.12 -9.42 2.22
CA TYR D 94 15.37 -9.87 2.81
C TYR D 94 15.47 -11.40 2.70
N PRO D 95 16.69 -11.95 2.56
CA PRO D 95 17.98 -11.26 2.48
C PRO D 95 18.13 -10.54 1.15
N TYR D 96 18.98 -9.52 1.08
CA TYR D 96 19.13 -8.70 -0.11
C TYR D 96 20.32 -9.23 -0.90
N THR D 97 20.07 -10.34 -1.58
CA THR D 97 21.13 -11.11 -2.24
C THR D 97 21.94 -10.25 -3.20
N PHE D 98 23.26 -10.34 -3.07
CA PHE D 98 24.20 -9.71 -3.99
C PHE D 98 24.56 -10.66 -5.11
N GLY D 99 24.81 -10.11 -6.30
CA GLY D 99 25.38 -10.90 -7.36
C GLY D 99 26.76 -11.41 -7.01
N GLN D 100 27.17 -12.49 -7.68
CA GLN D 100 28.45 -13.11 -7.35
C GLN D 100 29.65 -12.23 -7.67
N GLY D 101 29.45 -11.11 -8.36
CA GLY D 101 30.51 -10.17 -8.64
C GLY D 101 31.06 -10.32 -10.04
N THR D 102 31.71 -9.25 -10.52
CA THR D 102 32.39 -9.28 -11.80
C THR D 102 33.60 -8.38 -11.73
N LYS D 103 34.79 -8.96 -11.85
CA LYS D 103 36.02 -8.18 -11.86
C LYS D 103 36.25 -7.62 -13.26
N LEU D 104 36.67 -6.35 -13.31
CA LEU D 104 36.81 -5.64 -14.58
C LEU D 104 38.30 -5.33 -14.78
N GLU D 105 38.99 -6.26 -15.42
CA GLU D 105 40.40 -6.10 -15.75
C GLU D 105 40.55 -5.11 -16.91
N ILE D 106 41.71 -4.46 -16.96
CA ILE D 106 42.07 -3.55 -18.04
C ILE D 106 43.15 -4.28 -18.85
N LYS D 107 42.80 -4.67 -20.07
CA LYS D 107 43.52 -5.73 -20.78
C LYS D 107 44.79 -5.20 -21.44
N ARG D 108 45.70 -6.14 -21.71
CA ARG D 108 46.93 -5.91 -22.45
C ARG D 108 47.18 -7.12 -23.34
N THR D 109 47.96 -6.91 -24.40
CA THR D 109 48.24 -7.98 -25.33
C THR D 109 49.02 -9.11 -24.65
N VAL D 110 48.92 -10.31 -25.22
CA VAL D 110 49.44 -11.52 -24.59
C VAL D 110 50.93 -11.35 -24.26
N ALA D 111 51.31 -11.79 -23.06
CA ALA D 111 52.68 -11.70 -22.58
C ALA D 111 53.15 -13.05 -22.08
N ALA D 112 54.46 -13.31 -22.25
CA ALA D 112 55.13 -14.55 -21.90
C ALA D 112 55.83 -14.43 -20.55
N PRO D 113 55.77 -15.46 -19.71
CA PRO D 113 56.34 -15.36 -18.37
C PRO D 113 57.86 -15.45 -18.38
N SER D 114 58.46 -14.83 -17.36
CA SER D 114 59.84 -15.13 -16.97
C SER D 114 59.76 -16.20 -15.88
N VAL D 115 60.27 -17.39 -16.19
CA VAL D 115 60.11 -18.56 -15.34
C VAL D 115 61.43 -18.84 -14.63
N PHE D 116 61.37 -18.96 -13.30
CA PHE D 116 62.52 -19.31 -12.50
C PHE D 116 62.14 -20.38 -11.48
N ILE D 117 63.15 -21.07 -10.97
CA ILE D 117 62.98 -22.05 -9.90
C ILE D 117 64.04 -21.75 -8.84
N PHE D 118 63.73 -22.11 -7.59
CA PHE D 118 64.64 -21.82 -6.49
C PHE D 118 64.71 -23.06 -5.60
N PRO D 119 65.89 -23.36 -5.06
CA PRO D 119 66.04 -24.54 -4.22
C PRO D 119 65.74 -24.21 -2.77
N PRO D 120 65.40 -25.19 -1.95
CA PRO D 120 65.21 -24.93 -0.52
C PRO D 120 66.53 -24.55 0.13
N SER D 121 66.49 -23.50 0.95
CA SER D 121 67.69 -22.95 1.55
C SER D 121 68.31 -23.95 2.52
N ASP D 122 69.52 -23.61 2.98
CA ASP D 122 70.17 -24.41 4.01
C ASP D 122 69.65 -24.04 5.39
N GLU D 123 69.18 -22.81 5.54
CA GLU D 123 68.46 -22.42 6.74
C GLU D 123 67.05 -23.01 6.79
N GLN D 124 66.54 -23.54 5.67
CA GLN D 124 65.27 -24.24 5.73
C GLN D 124 65.44 -25.72 6.05
N LEU D 125 66.44 -26.37 5.47
CA LEU D 125 66.61 -27.81 5.69
C LEU D 125 66.85 -28.12 7.17
N LYS D 126 67.58 -27.25 7.87
CA LYS D 126 67.83 -27.48 9.29
C LYS D 126 66.53 -27.43 10.11
N SER D 127 65.53 -26.69 9.64
CA SER D 127 64.28 -26.54 10.36
C SER D 127 63.22 -27.58 9.96
N GLY D 128 63.64 -28.68 9.35
CA GLY D 128 62.75 -29.79 9.10
C GLY D 128 61.83 -29.67 7.90
N THR D 129 61.49 -28.45 7.52
CA THR D 129 60.69 -28.21 6.34
C THR D 129 61.59 -27.94 5.13
N ALA D 130 61.03 -28.16 3.94
CA ALA D 130 61.70 -27.78 2.70
C ALA D 130 60.66 -27.19 1.76
N SER D 131 60.75 -25.89 1.49
CA SER D 131 59.88 -25.23 0.53
C SER D 131 60.68 -24.95 -0.74
N VAL D 132 60.16 -25.44 -1.87
CA VAL D 132 60.71 -25.16 -3.19
C VAL D 132 59.79 -24.18 -3.91
N VAL D 133 60.36 -23.07 -4.37
CA VAL D 133 59.61 -21.96 -4.94
C VAL D 133 59.77 -21.97 -6.46
N CYS D 134 58.66 -21.78 -7.16
CA CYS D 134 58.64 -21.65 -8.62
C CYS D 134 58.05 -20.29 -8.97
N LEU D 135 58.72 -19.55 -9.84
CA LEU D 135 58.40 -18.15 -10.10
C LEU D 135 57.93 -17.97 -11.53
N LEU D 136 56.89 -17.16 -11.71
CA LEU D 136 56.39 -16.74 -13.01
C LEU D 136 56.26 -15.22 -13.00
N ASN D 137 56.83 -14.55 -14.01
CA ASN D 137 56.87 -13.09 -14.05
C ASN D 137 56.10 -12.54 -15.23
N ASN D 138 55.21 -11.59 -14.96
CA ASN D 138 54.75 -10.61 -15.95
C ASN D 138 54.09 -11.25 -17.16
N PHE D 139 53.28 -12.28 -16.95
CA PHE D 139 52.56 -12.86 -18.07
C PHE D 139 51.27 -12.08 -18.32
N TYR D 140 50.43 -12.59 -19.21
CA TYR D 140 49.37 -11.79 -19.84
C TYR D 140 48.21 -11.43 -18.91
N ARG D 142 45.51 -14.17 -16.38
CA ARG D 142 46.22 -14.83 -15.28
C ARG D 142 46.27 -16.34 -15.50
N GLU D 143 45.40 -16.84 -16.37
CA GLU D 143 45.22 -18.28 -16.53
C GLU D 143 46.54 -18.97 -16.85
N ALA D 144 46.81 -20.06 -16.13
CA ALA D 144 48.06 -20.79 -16.24
C ALA D 144 47.93 -22.08 -15.45
N LYS D 145 48.67 -23.09 -15.88
CA LYS D 145 48.69 -24.40 -15.23
C LYS D 145 50.12 -24.71 -14.80
N VAL D 146 50.30 -25.01 -13.51
CA VAL D 146 51.60 -25.27 -12.93
C VAL D 146 51.54 -26.61 -12.22
N GLN D 147 52.32 -27.58 -12.69
CA GLN D 147 52.33 -28.93 -12.16
C GLN D 147 53.71 -29.25 -11.59
N TRP D 148 53.74 -29.78 -10.38
CA TRP D 148 54.99 -30.08 -9.69
C TRP D 148 55.41 -31.53 -9.94
N LYS D 149 56.63 -31.71 -10.43
CA LYS D 149 57.20 -33.02 -10.72
C LYS D 149 58.50 -33.17 -9.95
N VAL D 150 58.54 -34.15 -9.04
CA VAL D 150 59.75 -34.47 -8.29
C VAL D 150 60.25 -35.83 -8.79
N ASP D 151 61.42 -35.82 -9.43
CA ASP D 151 61.92 -36.95 -10.20
C ASP D 151 60.84 -37.51 -11.11
N ASN D 152 60.34 -36.62 -11.97
CA ASN D 152 59.25 -36.89 -12.90
C ASN D 152 58.10 -37.67 -12.26
N ALA D 153 57.73 -37.32 -11.05
CA ALA D 153 56.57 -37.87 -10.36
C ALA D 153 55.55 -36.77 -10.16
N LEU D 154 54.33 -36.99 -10.63
CA LEU D 154 53.31 -35.95 -10.62
C LEU D 154 52.87 -35.66 -9.19
N GLN D 155 53.30 -34.52 -8.66
CA GLN D 155 52.86 -34.08 -7.34
C GLN D 155 51.46 -33.51 -7.41
N SER D 156 50.65 -33.82 -6.40
CA SER D 156 49.27 -33.37 -6.36
C SER D 156 48.82 -33.30 -4.90
N GLY D 157 48.77 -32.10 -4.33
CA GLY D 157 48.31 -31.89 -2.98
C GLY D 157 49.34 -31.43 -1.97
N ASN D 158 50.52 -31.03 -2.41
CA ASN D 158 51.54 -30.51 -1.50
C ASN D 158 51.97 -29.09 -1.84
N SER D 159 51.43 -28.49 -2.88
CA SER D 159 51.83 -27.15 -3.31
C SER D 159 50.66 -26.18 -3.19
N GLN D 160 51.00 -24.90 -3.04
CA GLN D 160 50.02 -23.81 -3.01
C GLN D 160 50.51 -22.69 -3.92
N GLU D 161 49.56 -21.94 -4.47
CA GLU D 161 49.88 -20.86 -5.40
C GLU D 161 49.48 -19.52 -4.82
N SER D 162 49.94 -18.46 -5.48
CA SER D 162 49.60 -17.09 -5.11
C SER D 162 49.91 -16.18 -6.27
N VAL D 163 48.94 -15.38 -6.70
CA VAL D 163 49.09 -14.44 -7.79
C VAL D 163 49.03 -13.02 -7.24
N THR D 164 49.84 -12.14 -7.82
CA THR D 164 49.81 -10.73 -7.44
C THR D 164 48.66 -10.03 -8.15
N GLU D 165 48.17 -8.95 -7.54
CA GLU D 165 47.12 -8.15 -8.15
C GLU D 165 47.58 -7.61 -9.51
N GLN D 166 46.59 -7.23 -10.33
CA GLN D 166 46.87 -6.60 -11.61
C GLN D 166 47.75 -5.37 -11.42
N ASP D 167 48.96 -5.41 -11.99
CA ASP D 167 49.85 -4.26 -11.96
C ASP D 167 49.12 -3.03 -12.52
N SER D 168 49.38 -1.88 -11.90
CA SER D 168 48.73 -0.64 -12.29
C SER D 168 49.50 0.15 -13.32
N LYS D 169 50.64 -0.36 -13.81
CA LYS D 169 51.43 0.34 -14.80
C LYS D 169 51.75 -0.47 -16.05
N ASP D 170 51.69 -1.80 -15.99
CA ASP D 170 51.76 -2.61 -17.21
C ASP D 170 50.74 -3.75 -17.21
N SER D 171 49.75 -3.71 -16.32
CA SER D 171 48.59 -4.60 -16.36
C SER D 171 48.98 -6.07 -16.49
N THR D 172 49.87 -6.52 -15.60
CA THR D 172 50.38 -7.88 -15.69
C THR D 172 50.30 -8.56 -14.33
N TYR D 173 50.47 -9.88 -14.35
CA TYR D 173 50.39 -10.72 -13.17
C TYR D 173 51.70 -11.45 -12.93
N SER D 174 51.84 -12.00 -11.73
CA SER D 174 52.95 -12.86 -11.35
C SER D 174 52.43 -13.93 -10.40
N LEU D 175 53.02 -15.12 -10.47
CA LEU D 175 52.46 -16.28 -9.77
C LEU D 175 53.58 -17.06 -9.09
N SER D 176 53.37 -17.38 -7.81
CA SER D 176 54.21 -18.28 -7.05
C SER D 176 53.57 -19.66 -6.96
N SER D 177 54.40 -20.68 -6.79
CA SER D 177 53.94 -22.03 -6.46
C SER D 177 54.97 -22.67 -5.55
N THR D 178 54.61 -22.82 -4.27
CA THR D 178 55.51 -23.38 -3.26
C THR D 178 55.10 -24.82 -2.96
N LEU D 179 55.97 -25.76 -3.30
CA LEU D 179 55.79 -27.16 -2.93
C LEU D 179 56.45 -27.41 -1.58
N THR D 180 55.72 -28.03 -0.66
CA THR D 180 56.17 -28.22 0.72
C THR D 180 56.20 -29.71 1.03
N LEU D 181 57.38 -30.23 1.29
CA LEU D 181 57.60 -31.62 1.69
C LEU D 181 58.25 -31.66 3.07
N SER D 182 58.58 -32.86 3.51
CA SER D 182 59.35 -33.05 4.74
C SER D 182 60.84 -33.14 4.42
N LYS D 183 61.65 -32.84 5.44
CA LYS D 183 63.09 -32.96 5.27
C LYS D 183 63.49 -34.40 4.92
N ALA D 184 62.77 -35.37 5.48
CA ALA D 184 63.02 -36.76 5.11
C ALA D 184 62.63 -37.04 3.66
N ASP D 185 61.65 -36.30 3.14
CA ASP D 185 61.16 -36.55 1.78
C ASP D 185 61.83 -35.66 0.75
N TYR D 186 62.38 -34.51 1.14
CA TYR D 186 63.05 -33.65 0.17
C TYR D 186 64.29 -34.31 -0.39
N GLU D 187 65.20 -34.75 0.48
CA GLU D 187 66.47 -35.31 0.04
C GLU D 187 66.34 -36.70 -0.58
N LYS D 188 65.16 -37.31 -0.50
CA LYS D 188 64.93 -38.61 -1.13
C LYS D 188 65.09 -38.57 -2.64
N HIS D 189 65.07 -37.37 -3.25
CA HIS D 189 65.04 -37.25 -4.70
C HIS D 189 66.17 -36.33 -5.16
N LYS D 190 66.40 -36.31 -6.47
CA LYS D 190 67.50 -35.58 -7.07
C LYS D 190 67.06 -34.29 -7.77
N VAL D 191 66.08 -34.39 -8.67
CA VAL D 191 65.66 -33.26 -9.51
C VAL D 191 64.25 -32.85 -9.11
N TYR D 192 64.00 -31.55 -9.13
CA TYR D 192 62.70 -30.98 -8.77
C TYR D 192 62.32 -29.97 -9.86
N ALA D 193 61.38 -30.34 -10.72
CA ALA D 193 61.02 -29.54 -11.88
C ALA D 193 59.67 -28.87 -11.68
N CYS D 194 59.43 -27.85 -12.48
CA CYS D 194 58.19 -27.07 -12.43
C CYS D 194 57.79 -26.73 -13.86
N GLU D 195 56.63 -27.23 -14.30
CA GLU D 195 56.20 -27.11 -15.69
C GLU D 195 55.07 -26.08 -15.78
N VAL D 196 55.25 -25.10 -16.68
CA VAL D 196 54.31 -24.00 -16.84
C VAL D 196 53.67 -24.12 -18.21
N THR D 197 52.34 -24.30 -18.24
CA THR D 197 51.58 -24.27 -19.47
C THR D 197 50.88 -22.92 -19.59
N HIS D 198 50.85 -22.38 -20.79
CA HIS D 198 50.53 -20.97 -20.97
C HIS D 198 50.14 -20.70 -22.41
N GLN D 199 49.15 -19.82 -22.59
CA GLN D 199 48.77 -19.38 -23.93
C GLN D 199 49.91 -18.64 -24.62
N GLY D 200 50.73 -17.92 -23.85
CA GLY D 200 51.86 -17.22 -24.43
C GLY D 200 53.13 -18.05 -24.42
N LEU D 201 52.96 -19.37 -24.53
CA LEU D 201 54.09 -20.29 -24.59
C LEU D 201 53.78 -21.36 -25.63
N SER D 202 54.62 -21.45 -26.67
CA SER D 202 54.41 -22.45 -27.71
C SER D 202 54.52 -23.87 -27.18
N SER D 203 55.15 -24.06 -26.04
CA SER D 203 55.25 -25.36 -25.39
C SER D 203 55.51 -25.12 -23.90
N PRO D 204 55.25 -26.13 -23.06
CA PRO D 204 55.50 -25.94 -21.62
C PRO D 204 56.97 -25.65 -21.35
N VAL D 205 57.21 -24.75 -20.40
CA VAL D 205 58.55 -24.33 -20.02
C VAL D 205 58.84 -24.86 -18.62
N THR D 206 60.01 -25.48 -18.45
CA THR D 206 60.38 -26.09 -17.20
C THR D 206 61.72 -25.55 -16.74
N LYS D 207 61.88 -25.40 -15.42
CA LYS D 207 63.13 -25.05 -14.79
C LYS D 207 63.37 -26.04 -13.65
N SER D 208 64.57 -26.61 -13.61
CA SER D 208 64.89 -27.68 -12.67
C SER D 208 66.21 -27.39 -11.97
N PHE D 209 66.39 -28.04 -10.81
CA PHE D 209 67.61 -27.97 -10.05
C PHE D 209 67.92 -29.34 -9.47
N ASN D 210 69.10 -29.46 -8.87
CA ASN D 210 69.55 -30.73 -8.31
C ASN D 210 69.82 -30.60 -6.81
N PRO E 3 2.96 -13.79 6.24
CA PRO E 3 2.41 -12.43 6.31
C PRO E 3 0.91 -12.41 6.59
N ASN E 4 0.47 -11.40 7.34
CA ASN E 4 -0.95 -11.21 7.67
C ASN E 4 -1.52 -10.24 6.64
N LEU E 5 -1.99 -10.79 5.52
CA LEU E 5 -2.22 -9.97 4.32
C LEU E 5 -3.32 -8.95 4.55
N THR E 6 -4.39 -9.32 5.26
CA THR E 6 -5.43 -8.35 5.54
C THR E 6 -4.96 -7.31 6.57
N GLU E 7 -4.10 -7.71 7.51
CA GLU E 7 -3.58 -6.79 8.50
C GLU E 7 -2.41 -5.96 7.98
N ILE E 8 -1.72 -6.41 6.92
CA ILE E 8 -0.66 -5.61 6.34
C ILE E 8 -1.26 -4.40 5.63
N SER E 9 -2.27 -4.61 4.81
CA SER E 9 -3.18 -3.53 4.50
C SER E 9 -3.81 -3.03 5.79
N LYS E 10 -4.15 -1.74 5.80
CA LYS E 10 -4.59 -0.98 6.97
C LYS E 10 -3.40 -0.67 7.88
N LYS E 11 -2.23 -1.22 7.54
CA LYS E 11 -0.96 -0.56 7.81
C LYS E 11 -0.59 0.34 6.64
N ILE E 12 -0.68 -0.21 5.42
CA ILE E 12 -0.45 0.58 4.22
C ILE E 12 -1.50 1.68 4.10
N THR E 13 -2.78 1.31 4.23
CA THR E 13 -3.86 2.29 4.18
C THR E 13 -3.64 3.44 5.15
N ASP E 14 -3.40 3.10 6.43
CA ASP E 14 -3.28 4.14 7.45
C ASP E 14 -2.00 4.94 7.29
N SER E 15 -0.88 4.27 6.97
CA SER E 15 0.34 4.98 6.61
C SER E 15 0.09 5.92 5.45
N ASN E 16 -0.56 5.43 4.40
CA ASN E 16 -0.94 6.26 3.26
C ASN E 16 -1.67 7.51 3.71
N ALA E 17 -2.73 7.33 4.52
CA ALA E 17 -3.56 8.46 4.94
C ALA E 17 -2.72 9.55 5.61
N VAL E 18 -1.78 9.17 6.47
CA VAL E 18 -0.96 10.16 7.16
C VAL E 18 -0.02 10.86 6.17
N LEU E 19 0.68 10.08 5.34
CA LEU E 19 1.58 10.67 4.36
C LEU E 19 0.84 11.62 3.43
N LEU E 20 -0.40 11.28 3.07
CA LEU E 20 -1.25 12.20 2.31
C LEU E 20 -1.45 13.50 3.06
N ALA E 21 -2.04 13.42 4.26
CA ALA E 21 -2.23 14.62 5.08
C ALA E 21 -0.92 15.33 5.38
N VAL E 22 0.20 14.60 5.36
CA VAL E 22 1.51 15.24 5.53
C VAL E 22 1.93 15.95 4.25
N LYS E 23 1.71 15.32 3.09
CA LYS E 23 1.97 15.99 1.83
C LYS E 23 1.06 17.21 1.65
N GLU E 24 -0.15 17.15 2.20
CA GLU E 24 -1.06 18.29 2.17
C GLU E 24 -0.41 19.55 2.71
N VAL E 25 0.21 19.47 3.89
CA VAL E 25 0.73 20.67 4.54
C VAL E 25 2.01 21.14 3.86
N GLU E 26 2.78 20.23 3.25
CA GLU E 26 3.89 20.64 2.41
C GLU E 26 3.40 21.51 1.26
N ALA E 27 2.37 21.04 0.54
CA ALA E 27 1.81 21.82 -0.57
C ALA E 27 1.35 23.19 -0.11
N LEU E 28 0.79 23.29 1.10
CA LEU E 28 0.39 24.59 1.62
C LEU E 28 1.61 25.44 1.94
N LEU E 29 2.65 24.81 2.49
CA LEU E 29 3.95 25.47 2.63
C LEU E 29 4.46 25.98 1.29
N SER E 30 4.58 25.07 0.32
CA SER E 30 5.12 25.44 -1.00
C SER E 30 4.32 26.56 -1.64
N SER E 31 3.02 26.66 -1.32
CA SER E 31 2.21 27.74 -1.87
C SER E 31 2.63 29.09 -1.29
N ILE E 32 3.16 29.11 -0.07
CA ILE E 32 3.63 30.37 0.51
C ILE E 32 4.84 30.90 -0.25
N ASP E 33 5.70 29.99 -0.74
CA ASP E 33 6.80 30.42 -1.59
C ASP E 33 6.29 31.07 -2.87
N GLU E 34 5.16 30.60 -3.40
CA GLU E 34 4.53 31.27 -4.54
C GLU E 34 4.07 32.66 -4.17
N LEU E 35 3.62 32.87 -2.93
CA LEU E 35 3.23 34.19 -2.48
C LEU E 35 4.47 35.07 -2.27
N ALA E 36 5.62 34.45 -1.97
CA ALA E 36 6.85 35.22 -1.83
C ALA E 36 7.37 35.71 -3.18
N LYS E 37 7.04 35.01 -4.26
CA LYS E 37 7.37 35.51 -5.58
C LYS E 37 6.49 36.68 -6.00
N ALA E 38 5.32 36.84 -5.38
CA ALA E 38 4.37 37.89 -5.72
C ALA E 38 4.63 39.19 -4.97
N ILE E 39 5.59 39.21 -4.06
CA ILE E 39 5.88 40.38 -3.24
C ILE E 39 6.14 41.59 -4.13
N GLY E 40 5.33 42.63 -3.96
CA GLY E 40 5.45 43.83 -4.75
C GLY E 40 5.25 43.62 -6.25
N LYS E 41 4.30 42.76 -6.63
CA LYS E 41 4.07 42.44 -8.03
C LYS E 41 2.60 42.59 -8.37
N LYS E 42 2.32 42.55 -9.67
CA LYS E 42 0.97 42.64 -10.20
C LYS E 42 0.86 41.73 -11.42
N ILE E 43 -0.38 41.43 -11.81
CA ILE E 43 -0.62 40.56 -12.95
C ILE E 43 -0.58 41.39 -14.23
N LYS E 44 0.25 40.96 -15.18
CA LYS E 44 0.41 41.63 -16.46
C LYS E 44 -0.33 40.89 -17.56
N ASN E 45 -0.33 41.48 -18.76
CA ASN E 45 -1.06 40.89 -19.89
C ASN E 45 -0.37 39.63 -20.39
N ASP E 46 0.93 39.70 -20.66
CA ASP E 46 1.66 38.56 -21.21
C ASP E 46 1.82 37.40 -20.23
N GLY E 47 1.29 37.52 -19.02
CA GLY E 47 1.37 36.49 -18.02
C GLY E 47 2.49 36.65 -17.01
N SER E 48 3.46 37.52 -17.29
CA SER E 48 4.54 37.73 -16.35
C SER E 48 4.08 38.61 -15.18
N LEU E 49 4.96 38.78 -14.20
CA LEU E 49 4.69 39.55 -13.00
C LEU E 49 5.39 40.91 -13.11
N GLY E 50 4.61 41.98 -13.26
CA GLY E 50 5.17 43.31 -13.33
C GLY E 50 5.24 43.97 -11.97
N ASP E 51 6.17 44.92 -11.86
CA ASP E 51 6.43 45.56 -10.57
C ASP E 51 5.26 46.42 -10.12
N GLU E 52 4.87 46.26 -8.86
CA GLU E 52 4.04 47.25 -8.17
C GLU E 52 4.41 47.17 -6.69
N ALA E 53 5.27 48.08 -6.25
CA ALA E 53 5.90 47.97 -4.94
C ALA E 53 5.01 48.52 -3.83
N ASN E 54 5.30 48.07 -2.61
CA ASN E 54 4.87 48.68 -1.35
C ASN E 54 3.37 48.58 -1.10
N HIS E 55 2.66 47.71 -1.81
CA HIS E 55 1.26 47.41 -1.50
C HIS E 55 1.18 45.90 -1.24
N ASN E 56 1.38 45.51 0.01
CA ASN E 56 1.59 44.11 0.35
C ASN E 56 0.77 43.62 1.54
N GLU E 57 -0.09 44.46 2.13
CA GLU E 57 -0.81 44.05 3.33
C GLU E 57 -1.63 42.78 3.11
N SER E 58 -2.47 42.77 2.06
CA SER E 58 -3.35 41.64 1.84
C SER E 58 -2.58 40.36 1.51
N LEU E 59 -1.46 40.48 0.79
CA LEU E 59 -0.68 39.31 0.44
C LEU E 59 -0.16 38.59 1.68
N LEU E 60 0.19 39.34 2.73
CA LEU E 60 0.69 38.72 3.94
C LEU E 60 -0.44 38.22 4.83
N ALA E 61 -1.62 38.83 4.73
CA ALA E 61 -2.80 38.23 5.36
C ALA E 61 -3.15 36.90 4.72
N GLY E 62 -2.99 36.81 3.39
CA GLY E 62 -3.16 35.53 2.73
C GLY E 62 -2.16 34.49 3.22
N ALA E 63 -0.88 34.86 3.27
CA ALA E 63 0.13 33.97 3.82
C ALA E 63 -0.17 33.60 5.27
N TYR E 64 -0.75 34.53 6.03
CA TYR E 64 -1.01 34.26 7.44
C TYR E 64 -2.12 33.23 7.63
N THR E 65 -3.17 33.29 6.80
CA THR E 65 -4.24 32.32 6.94
C THR E 65 -3.78 30.93 6.53
N ILE E 66 -2.93 30.84 5.49
CA ILE E 66 -2.29 29.57 5.14
C ILE E 66 -1.51 29.02 6.33
N SER E 67 -0.96 29.91 7.17
CA SER E 67 -0.16 29.46 8.30
C SER E 67 -1.03 28.84 9.39
N THR E 68 -2.23 29.41 9.61
CA THR E 68 -3.13 28.85 10.60
C THR E 68 -3.93 27.67 10.07
N LEU E 69 -3.98 27.50 8.75
CA LEU E 69 -4.49 26.26 8.18
C LEU E 69 -3.47 25.15 8.31
N ILE E 70 -2.18 25.49 8.15
CA ILE E 70 -1.11 24.54 8.39
C ILE E 70 -1.18 24.02 9.82
N THR E 71 -1.35 24.92 10.79
CA THR E 71 -1.43 24.52 12.18
C THR E 71 -2.66 23.65 12.45
N GLN E 72 -3.81 24.04 11.88
CA GLN E 72 -5.02 23.25 12.06
C GLN E 72 -4.87 21.86 11.44
N LYS E 73 -4.25 21.77 10.28
CA LYS E 73 -4.05 20.47 9.63
C LYS E 73 -3.20 19.55 10.50
N LEU E 74 -2.07 20.07 11.02
CA LEU E 74 -1.23 19.29 11.91
C LEU E 74 -1.95 18.90 13.19
N SER E 75 -2.99 19.65 13.57
CA SER E 75 -3.75 19.30 14.77
C SER E 75 -4.68 18.12 14.55
N LYS E 76 -5.17 17.95 13.31
CA LYS E 76 -6.01 16.81 12.97
C LYS E 76 -5.19 15.57 12.63
N LEU E 77 -3.89 15.59 12.88
CA LEU E 77 -3.03 14.47 12.55
C LEU E 77 -2.59 13.71 13.81
N SER E 80 -0.40 6.77 14.25
CA SER E 80 0.77 7.64 14.38
C SER E 80 1.54 7.33 15.65
N GLU E 81 2.47 6.37 15.57
CA GLU E 81 3.30 5.99 16.70
C GLU E 81 4.68 6.65 16.65
N GLY E 82 5.40 6.46 15.54
CA GLY E 82 6.69 7.11 15.38
C GLY E 82 6.64 8.57 15.01
N LEU E 83 5.44 9.08 14.68
CA LEU E 83 5.28 10.45 14.24
C LEU E 83 4.76 11.38 15.33
N LYS E 84 4.25 10.84 16.44
CA LYS E 84 3.73 11.67 17.51
C LYS E 84 4.78 12.68 17.98
N GLU E 85 6.04 12.24 18.06
CA GLU E 85 7.12 13.17 18.39
C GLU E 85 7.35 14.18 17.27
N LYS E 86 7.30 13.72 16.02
CA LYS E 86 7.57 14.61 14.89
C LYS E 86 6.36 15.46 14.53
N ILE E 87 5.14 14.96 14.76
CA ILE E 87 3.96 15.77 14.52
C ILE E 87 3.97 17.01 15.40
N ALA E 88 4.18 16.82 16.71
CA ALA E 88 4.13 17.94 17.63
C ALA E 88 5.30 18.91 17.43
N ALA E 89 6.45 18.40 16.95
CA ALA E 89 7.55 19.30 16.63
C ALA E 89 7.20 20.19 15.43
N ALA E 90 6.51 19.62 14.44
CA ALA E 90 6.08 20.41 13.28
C ALA E 90 4.99 21.40 13.67
N LYS E 91 3.98 20.92 14.42
CA LYS E 91 2.90 21.79 14.84
C LYS E 91 3.43 22.97 15.66
N LYS E 92 4.39 22.72 16.55
CA LYS E 92 4.97 23.81 17.34
C LYS E 92 5.71 24.80 16.47
N CYS E 93 6.44 24.31 15.47
CA CYS E 93 7.14 25.19 14.54
C CYS E 93 6.16 26.11 13.80
N SER E 94 5.01 25.55 13.40
CA SER E 94 4.04 26.34 12.64
C SER E 94 3.34 27.39 13.50
N GLU E 95 3.37 27.26 14.83
CA GLU E 95 2.77 28.29 15.66
C GLU E 95 3.73 29.45 15.92
N GLU E 96 5.04 29.21 15.90
CA GLU E 96 5.98 30.31 15.99
C GLU E 96 6.12 31.05 14.67
N PHE E 97 5.71 30.43 13.56
CA PHE E 97 5.59 31.16 12.30
C PHE E 97 4.39 32.09 12.32
N SER E 98 3.26 31.60 12.85
CA SER E 98 2.07 32.44 12.98
C SER E 98 2.21 33.48 14.08
N THR E 99 3.11 33.26 15.04
CA THR E 99 3.30 34.22 16.12
C THR E 99 4.31 35.31 15.78
N LYS E 100 5.34 34.98 15.00
CA LYS E 100 6.28 36.01 14.59
C LYS E 100 5.65 37.00 13.61
N LEU E 101 4.61 36.58 12.89
CA LEU E 101 3.96 37.49 11.96
C LEU E 101 3.05 38.47 12.69
N LYS E 102 2.22 37.97 13.62
CA LYS E 102 1.31 38.86 14.34
C LYS E 102 2.08 39.77 15.30
N ASP E 103 3.12 39.25 15.95
CA ASP E 103 4.00 40.08 16.77
C ASP E 103 4.67 41.22 16.01
N ASN E 104 4.57 41.22 14.68
CA ASN E 104 5.22 42.21 13.82
C ASN E 104 4.20 43.01 13.03
N HIS E 105 3.00 43.18 13.61
CA HIS E 105 1.89 43.83 12.90
C HIS E 105 2.26 45.22 12.38
N ALA E 106 2.94 46.03 13.20
CA ALA E 106 3.23 47.40 12.81
C ALA E 106 4.02 47.46 11.51
N GLN E 107 4.81 46.41 11.21
CA GLN E 107 5.55 46.35 9.96
C GLN E 107 4.81 45.57 8.88
N LEU E 108 4.10 44.50 9.25
CA LEU E 108 3.42 43.65 8.27
C LEU E 108 1.91 43.80 8.27
N GLY E 109 1.34 44.61 9.15
CA GLY E 109 -0.10 44.73 9.26
C GLY E 109 -0.62 46.15 9.09
N ILE E 110 -0.01 46.94 8.20
CA ILE E 110 -0.38 48.33 8.03
C ILE E 110 -0.65 48.60 6.55
N GLN E 111 -1.25 49.76 6.28
CA GLN E 111 -1.50 50.20 4.92
C GLN E 111 -0.17 50.54 4.25
N GLY E 112 0.21 49.77 3.26
CA GLY E 112 1.46 50.04 2.55
C GLY E 112 2.64 49.26 3.08
N VAL E 113 2.43 47.98 3.39
CA VAL E 113 3.53 47.13 3.80
C VAL E 113 4.57 47.09 2.68
N THR E 114 5.78 47.51 2.99
CA THR E 114 6.78 47.71 1.95
C THR E 114 7.35 46.37 1.49
N ASP E 115 7.82 46.36 0.24
CA ASP E 115 8.39 45.15 -0.37
C ASP E 115 9.40 44.46 0.54
N GLU E 116 10.15 45.23 1.35
CA GLU E 116 11.26 44.63 2.09
C GLU E 116 10.85 44.07 3.45
N ASN E 117 9.75 44.54 4.05
CA ASN E 117 9.25 43.86 5.23
C ASN E 117 8.63 42.51 4.86
N ALA E 118 8.06 42.40 3.67
CA ALA E 118 7.47 41.14 3.24
C ALA E 118 8.54 40.11 2.92
N LYS E 119 9.66 40.53 2.32
CA LYS E 119 10.72 39.59 2.01
C LYS E 119 11.45 39.11 3.26
N LYS E 120 11.20 39.73 4.41
CA LYS E 120 11.73 39.24 5.67
C LYS E 120 10.74 38.34 6.40
N ALA E 121 9.58 38.08 5.80
CA ALA E 121 8.55 37.25 6.42
C ALA E 121 8.30 35.93 5.70
N ILE E 122 8.30 35.92 4.36
CA ILE E 122 7.92 34.73 3.61
C ILE E 122 8.96 34.37 2.55
N LEU E 123 9.95 35.24 2.35
CA LEU E 123 11.03 34.96 1.41
C LEU E 123 12.16 34.28 2.16
N LYS E 124 12.63 33.14 1.62
CA LYS E 124 13.51 32.26 2.38
C LYS E 124 14.97 32.66 2.30
N ALA E 125 15.39 33.32 1.24
CA ALA E 125 16.81 33.62 0.99
C ALA E 125 17.15 35.09 1.26
N ASN E 126 16.42 35.74 2.16
CA ASN E 126 16.59 37.17 2.36
C ASN E 126 17.85 37.46 3.16
N ALA E 127 18.27 38.72 3.09
CA ALA E 127 19.44 39.20 3.83
C ALA E 127 19.01 40.14 4.96
N LYS E 130 17.27 39.04 8.14
CA LYS E 130 16.23 38.06 7.86
C LYS E 130 14.94 38.31 8.65
N ASP E 131 14.75 37.51 9.70
CA ASP E 131 13.42 37.19 10.18
C ASP E 131 12.57 38.41 10.51
N LYS E 132 11.49 38.57 9.76
CA LYS E 132 10.19 38.96 10.29
C LYS E 132 9.34 37.73 10.53
N GLY E 133 9.31 36.80 9.58
CA GLY E 133 8.80 35.46 9.77
C GLY E 133 9.68 34.34 9.25
N VAL E 134 10.74 34.66 8.49
CA VAL E 134 11.34 33.68 7.58
C VAL E 134 12.05 32.56 8.35
N GLU E 135 12.68 32.88 9.48
CA GLU E 135 13.45 31.85 10.18
C GLU E 135 12.52 30.76 10.73
N GLU E 136 11.36 31.17 11.23
CA GLU E 136 10.32 30.24 11.65
C GLU E 136 9.74 29.49 10.44
N LEU E 137 9.69 30.15 9.29
CA LEU E 137 9.29 29.46 8.06
C LEU E 137 10.32 28.39 7.68
N GLU E 138 11.59 28.78 7.53
CA GLU E 138 12.65 27.83 7.23
C GLU E 138 12.68 26.69 8.23
N LYS E 139 12.39 26.97 9.50
CA LYS E 139 12.37 25.91 10.50
C LYS E 139 11.13 25.04 10.35
N LEU E 140 9.97 25.66 10.17
CA LEU E 140 8.75 24.92 9.87
C LEU E 140 8.95 23.98 8.68
N SER E 141 9.56 24.50 7.61
CA SER E 141 9.88 23.66 6.46
C SER E 141 10.83 22.54 6.82
N GLY E 142 11.65 22.73 7.87
CA GLY E 142 12.54 21.66 8.29
C GLY E 142 11.80 20.52 8.97
N SER E 143 10.97 20.87 9.96
CA SER E 143 10.16 19.87 10.66
C SER E 143 9.35 19.02 9.70
N LEU E 144 8.67 19.68 8.75
CA LEU E 144 7.82 18.96 7.80
C LEU E 144 8.63 17.98 6.97
N GLU E 145 9.83 18.39 6.52
CA GLU E 145 10.64 17.51 5.68
C GLU E 145 11.11 16.28 6.44
N SER E 146 11.26 16.38 7.75
CA SER E 146 11.60 15.20 8.54
C SER E 146 10.34 14.44 8.99
N LEU E 147 9.22 15.14 9.14
CA LEU E 147 7.95 14.46 9.32
C LEU E 147 7.58 13.67 8.07
N SER E 148 7.88 14.22 6.89
CA SER E 148 7.59 13.51 5.65
C SER E 148 8.48 12.29 5.49
N LYS E 149 9.76 12.42 5.82
CA LYS E 149 10.65 11.28 5.83
C LYS E 149 10.11 10.16 6.72
N ALA E 150 9.72 10.52 7.94
CA ALA E 150 9.11 9.55 8.84
C ALA E 150 7.86 8.94 8.23
N ALA E 151 6.91 9.79 7.80
CA ALA E 151 5.67 9.29 7.22
C ALA E 151 5.92 8.44 5.98
N LYS E 152 6.99 8.73 5.23
CA LYS E 152 7.34 7.91 4.08
C LYS E 152 7.87 6.55 4.53
N GLU E 153 8.75 6.55 5.55
CA GLU E 153 9.31 5.30 6.04
C GLU E 153 8.27 4.41 6.69
N MET E 154 7.26 5.01 7.33
CA MET E 154 6.15 4.22 7.86
C MET E 154 5.45 3.46 6.73
N LEU E 155 5.23 4.12 5.60
CA LEU E 155 4.56 3.48 4.48
C LEU E 155 5.46 2.42 3.84
N ALA E 156 6.75 2.71 3.73
CA ALA E 156 7.66 1.73 3.15
C ALA E 156 7.81 0.50 4.05
N ASN E 157 7.75 0.69 5.36
CA ASN E 157 7.83 -0.45 6.29
C ASN E 157 6.62 -1.36 6.15
N SER E 158 5.44 -0.78 5.94
CA SER E 158 4.23 -1.58 5.76
C SER E 158 4.30 -2.39 4.47
N VAL E 159 4.62 -1.73 3.36
CA VAL E 159 4.86 -2.43 2.10
C VAL E 159 5.92 -3.51 2.29
N LYS E 160 6.97 -3.21 3.07
CA LYS E 160 8.04 -4.17 3.30
C LYS E 160 7.55 -5.41 4.02
N GLU E 161 6.47 -5.30 4.80
CA GLU E 161 6.00 -6.45 5.56
C GLU E 161 5.47 -7.56 4.66
N LEU E 162 5.03 -7.22 3.45
CA LEU E 162 4.67 -8.24 2.48
C LEU E 162 5.85 -9.13 2.10
N THR E 163 7.07 -8.64 2.30
CA THR E 163 8.30 -9.39 2.00
C THR E 163 8.28 -9.98 0.58
N ASN F 4 0.83 -13.36 -5.46
CA ASN F 4 1.82 -12.76 -6.32
C ASN F 4 2.22 -11.38 -5.79
N LEU F 5 2.84 -11.35 -4.62
CA LEU F 5 3.24 -10.10 -4.00
C LEU F 5 4.33 -9.38 -4.78
N THR F 6 5.02 -10.07 -5.70
CA THR F 6 6.08 -9.45 -6.48
C THR F 6 5.55 -8.28 -7.32
N GLU F 7 4.61 -8.58 -8.22
CA GLU F 7 4.02 -7.54 -9.07
C GLU F 7 3.37 -6.45 -8.24
N ILE F 8 2.59 -6.83 -7.23
CA ILE F 8 1.68 -5.88 -6.58
C ILE F 8 2.45 -4.85 -5.76
N SER F 9 3.63 -5.21 -5.24
CA SER F 9 4.44 -4.25 -4.49
C SER F 9 4.65 -2.96 -5.28
N LYS F 10 5.13 -3.09 -6.52
CA LYS F 10 5.23 -1.93 -7.41
C LYS F 10 3.88 -1.24 -7.57
N LYS F 11 2.84 -2.00 -7.93
CA LYS F 11 1.54 -1.43 -8.29
C LYS F 11 1.00 -0.49 -7.21
N ILE F 12 1.29 -0.76 -5.93
CA ILE F 12 0.77 0.10 -4.87
C ILE F 12 1.59 1.38 -4.79
N THR F 13 2.92 1.27 -4.89
CA THR F 13 3.78 2.45 -4.95
C THR F 13 3.35 3.39 -6.06
N ASP F 14 3.28 2.87 -7.29
CA ASP F 14 2.89 3.67 -8.45
C ASP F 14 1.57 4.41 -8.20
N SER F 15 0.55 3.68 -7.75
CA SER F 15 -0.76 4.29 -7.57
C SER F 15 -0.74 5.38 -6.51
N ASN F 16 -0.05 5.14 -5.39
CA ASN F 16 0.06 6.17 -4.37
C ASN F 16 0.84 7.38 -4.86
N ALA F 17 1.94 7.14 -5.58
CA ALA F 17 2.71 8.22 -6.20
C ALA F 17 1.80 9.19 -6.93
N VAL F 18 0.80 8.68 -7.64
CA VAL F 18 -0.11 9.55 -8.38
C VAL F 18 -1.07 10.25 -7.42
N LEU F 19 -1.70 9.48 -6.52
CA LEU F 19 -2.58 10.08 -5.51
C LEU F 19 -1.87 11.17 -4.73
N LEU F 20 -0.61 10.94 -4.36
CA LEU F 20 0.19 11.98 -3.71
C LEU F 20 0.27 13.24 -4.57
N ALA F 21 0.69 13.08 -5.83
CA ALA F 21 0.76 14.21 -6.75
C ALA F 21 -0.56 14.95 -6.86
N VAL F 22 -1.68 14.20 -6.84
CA VAL F 22 -2.98 14.83 -7.03
C VAL F 22 -3.37 15.63 -5.79
N LYS F 23 -3.07 15.12 -4.60
CA LYS F 23 -3.43 15.84 -3.38
C LYS F 23 -2.61 17.11 -3.23
N GLU F 24 -1.33 17.07 -3.64
CA GLU F 24 -0.51 18.28 -3.65
C GLU F 24 -1.16 19.38 -4.45
N VAL F 25 -1.82 19.03 -5.55
CA VAL F 25 -2.48 20.03 -6.39
C VAL F 25 -3.83 20.44 -5.80
N GLU F 26 -4.54 19.49 -5.17
CA GLU F 26 -5.77 19.83 -4.48
C GLU F 26 -5.51 20.74 -3.29
N ALA F 27 -4.31 20.67 -2.69
CA ALA F 27 -3.99 21.51 -1.55
C ALA F 27 -3.50 22.88 -1.99
N LEU F 28 -2.68 22.92 -3.05
CA LEU F 28 -2.35 24.20 -3.69
C LEU F 28 -3.61 25.00 -3.99
N LEU F 29 -4.63 24.35 -4.55
CA LEU F 29 -5.87 25.03 -4.88
C LEU F 29 -6.57 25.55 -3.62
N SER F 30 -6.58 24.74 -2.56
CA SER F 30 -7.20 25.17 -1.31
C SER F 30 -6.52 26.41 -0.75
N SER F 31 -5.24 26.62 -1.06
CA SER F 31 -4.58 27.84 -0.63
C SER F 31 -5.11 29.07 -1.35
N ILE F 32 -5.69 28.90 -2.54
CA ILE F 32 -6.38 30.01 -3.18
C ILE F 32 -7.68 30.32 -2.43
N ASP F 33 -8.26 29.32 -1.77
CA ASP F 33 -9.44 29.55 -0.95
C ASP F 33 -9.09 30.33 0.31
N GLU F 34 -7.89 30.11 0.86
CA GLU F 34 -7.44 30.91 2.00
C GLU F 34 -7.07 32.32 1.56
N LEU F 35 -6.44 32.44 0.39
CA LEU F 35 -6.23 33.76 -0.20
C LEU F 35 -7.56 34.47 -0.41
N ALA F 36 -8.62 33.71 -0.74
CA ALA F 36 -9.94 34.31 -0.90
C ALA F 36 -10.42 34.96 0.39
N LYS F 37 -10.10 34.37 1.53
CA LYS F 37 -10.46 34.99 2.80
C LYS F 37 -9.64 36.24 3.12
N ALA F 38 -8.65 36.58 2.30
CA ALA F 38 -7.75 37.68 2.59
C ALA F 38 -7.99 38.93 1.76
N ILE F 39 -8.95 38.93 0.84
CA ILE F 39 -9.21 40.12 0.03
C ILE F 39 -9.56 41.29 0.95
N GLY F 40 -8.74 42.33 0.90
CA GLY F 40 -9.00 43.53 1.67
C GLY F 40 -8.74 43.40 3.17
N LYS F 41 -7.68 42.67 3.54
CA LYS F 41 -7.43 42.36 4.94
C LYS F 41 -5.95 42.54 5.27
N LYS F 42 -5.69 42.96 6.49
CA LYS F 42 -4.34 42.99 7.04
C LYS F 42 -4.28 42.10 8.29
N ILE F 43 -3.13 42.10 8.96
CA ILE F 43 -2.93 41.33 10.18
C ILE F 43 -3.07 42.26 11.38
N LYS F 44 -3.71 41.77 12.43
CA LYS F 44 -3.81 42.45 13.72
C LYS F 44 -2.89 41.79 14.75
N ASN F 45 -2.68 42.48 15.87
CA ASN F 45 -1.86 41.94 16.95
C ASN F 45 -2.42 40.62 17.47
N ASP F 46 -3.73 40.56 17.68
CA ASP F 46 -4.36 39.35 18.22
C ASP F 46 -4.30 38.18 17.26
N GLY F 47 -3.95 38.40 16.01
CA GLY F 47 -3.92 37.35 15.01
C GLY F 47 -5.17 37.24 14.15
N SER F 48 -6.17 38.08 14.35
CA SER F 48 -7.32 38.11 13.45
C SER F 48 -6.95 38.92 12.21
N LEU F 49 -7.94 39.20 11.36
CA LEU F 49 -7.74 39.98 10.15
C LEU F 49 -8.57 41.25 10.23
N GLY F 50 -7.92 42.39 10.02
CA GLY F 50 -8.62 43.66 9.97
C GLY F 50 -8.68 44.21 8.56
N ASP F 51 -9.62 45.12 8.30
CA ASP F 51 -9.88 45.57 6.95
C ASP F 51 -8.90 46.67 6.53
N GLU F 52 -8.34 46.51 5.33
CA GLU F 52 -7.67 47.60 4.61
C GLU F 52 -8.19 47.48 3.18
N ALA F 53 -9.18 48.30 2.84
CA ALA F 53 -9.99 48.06 1.66
C ALA F 53 -9.20 48.29 0.37
N ASN F 54 -9.43 47.38 -0.59
CA ASN F 54 -9.19 47.64 -2.02
C ASN F 54 -7.71 47.87 -2.34
N HIS F 55 -6.82 47.07 -1.74
CA HIS F 55 -5.44 46.93 -2.20
C HIS F 55 -5.16 45.44 -2.31
N ASN F 56 -5.47 44.86 -3.47
CA ASN F 56 -5.42 43.41 -3.66
C ASN F 56 -4.55 43.00 -4.84
N GLU F 57 -3.67 43.88 -5.33
CA GLU F 57 -2.91 43.57 -6.54
C GLU F 57 -2.00 42.37 -6.34
N SER F 58 -1.22 42.37 -5.27
CA SER F 58 -0.25 41.29 -5.07
C SER F 58 -0.86 40.04 -4.45
N LEU F 59 -2.03 40.15 -3.84
CA LEU F 59 -2.77 38.97 -3.43
C LEU F 59 -3.13 38.12 -4.64
N LEU F 60 -3.76 38.73 -5.66
CA LEU F 60 -4.15 38.00 -6.85
C LEU F 60 -2.93 37.60 -7.68
N ALA F 61 -1.88 38.43 -7.67
CA ALA F 61 -0.62 38.05 -8.30
C ALA F 61 -0.12 36.72 -7.78
N GLY F 62 -0.15 36.54 -6.45
CA GLY F 62 0.28 35.27 -5.89
C GLY F 62 -0.73 34.16 -6.13
N ALA F 63 -2.02 34.49 -6.08
CA ALA F 63 -3.05 33.55 -6.52
C ALA F 63 -2.76 33.06 -7.94
N TYR F 64 -2.43 33.98 -8.84
CA TYR F 64 -2.02 33.60 -10.19
C TYR F 64 -0.78 32.71 -10.15
N THR F 65 0.26 33.14 -9.42
CA THR F 65 1.49 32.36 -9.32
C THR F 65 1.22 30.91 -8.92
N ILE F 66 0.31 30.72 -7.97
CA ILE F 66 -0.05 29.36 -7.55
C ILE F 66 -0.76 28.63 -8.68
N SER F 67 -1.71 29.30 -9.34
CA SER F 67 -2.47 28.67 -10.41
C SER F 67 -1.60 28.19 -11.57
N THR F 68 -0.42 28.77 -11.76
CA THR F 68 0.51 28.25 -12.76
C THR F 68 1.37 27.11 -12.23
N LEU F 69 1.71 27.14 -10.93
CA LEU F 69 2.32 25.97 -10.30
C LEU F 69 1.42 24.74 -10.43
N ILE F 70 0.11 24.96 -10.34
CA ILE F 70 -0.85 23.86 -10.46
C ILE F 70 -0.74 23.23 -11.85
N THR F 71 -0.75 24.05 -12.89
CA THR F 71 -0.57 23.55 -14.25
C THR F 71 0.76 22.82 -14.39
N GLN F 72 1.85 23.43 -13.88
CA GLN F 72 3.16 22.81 -13.95
C GLN F 72 3.20 21.47 -13.21
N LYS F 73 2.35 21.30 -12.19
CA LYS F 73 2.32 20.04 -11.46
C LYS F 73 1.52 18.98 -12.20
N LEU F 74 0.35 19.36 -12.74
CA LEU F 74 -0.46 18.43 -13.53
C LEU F 74 0.34 17.83 -14.69
N SER F 75 1.12 18.67 -15.38
CA SER F 75 1.86 18.22 -16.56
C SER F 75 2.73 16.99 -16.27
N LYS F 76 3.28 16.90 -15.06
CA LYS F 76 4.17 15.80 -14.72
C LYS F 76 3.39 14.59 -14.20
N LEU F 77 2.44 14.13 -15.01
CA LEU F 77 1.60 13.00 -14.65
C LEU F 77 1.38 12.07 -15.83
N GLU F 81 -1.09 6.57 -16.10
CA GLU F 81 -1.72 5.53 -16.91
C GLU F 81 -3.19 5.35 -16.54
N GLY F 82 -4.05 5.29 -17.55
CA GLY F 82 -5.46 5.07 -17.33
C GLY F 82 -6.22 6.32 -16.93
N LEU F 83 -5.55 7.24 -16.26
CA LEU F 83 -6.13 8.51 -15.84
C LEU F 83 -5.82 9.64 -16.81
N LYS F 84 -5.36 9.31 -18.02
CA LYS F 84 -4.95 10.33 -18.99
C LYS F 84 -6.06 11.33 -19.26
N GLU F 85 -7.28 10.83 -19.50
CA GLU F 85 -8.39 11.73 -19.82
C GLU F 85 -8.70 12.67 -18.67
N LYS F 86 -8.79 12.13 -17.45
CA LYS F 86 -9.15 12.97 -16.31
C LYS F 86 -8.01 13.89 -15.88
N ILE F 87 -6.77 13.58 -16.28
CA ILE F 87 -5.66 14.48 -15.99
C ILE F 87 -5.61 15.62 -16.99
N ALA F 88 -5.57 15.28 -18.29
CA ALA F 88 -5.58 16.30 -19.33
C ALA F 88 -6.80 17.21 -19.24
N ALA F 89 -7.95 16.66 -18.80
CA ALA F 89 -9.11 17.51 -18.56
C ALA F 89 -8.86 18.47 -17.41
N ALA F 90 -8.11 18.04 -16.40
CA ALA F 90 -7.78 18.92 -15.28
C ALA F 90 -6.72 19.93 -15.69
N LYS F 91 -5.71 19.50 -16.45
CA LYS F 91 -4.69 20.42 -16.92
C LYS F 91 -5.29 21.52 -17.79
N LYS F 92 -6.30 21.17 -18.60
CA LYS F 92 -6.98 22.19 -19.39
C LYS F 92 -7.79 23.14 -18.51
N CYS F 93 -8.31 22.65 -17.38
CA CYS F 93 -9.06 23.52 -16.47
C CYS F 93 -8.17 24.56 -15.83
N SER F 94 -6.98 24.17 -15.37
CA SER F 94 -6.09 25.11 -14.71
C SER F 94 -5.51 26.13 -15.68
N GLU F 95 -5.39 25.76 -16.97
CA GLU F 95 -4.95 26.72 -17.97
C GLU F 95 -5.99 27.80 -18.21
N GLU F 96 -7.28 27.47 -18.10
CA GLU F 96 -8.34 28.46 -18.26
C GLU F 96 -8.63 29.24 -16.98
N PHE F 97 -8.07 28.81 -15.85
CA PHE F 97 -8.10 29.64 -14.65
C PHE F 97 -7.03 30.72 -14.72
N SER F 98 -5.80 30.33 -15.07
CA SER F 98 -4.74 31.28 -15.33
C SER F 98 -5.13 32.23 -16.46
N THR F 99 -5.66 31.69 -17.56
CA THR F 99 -6.08 32.51 -18.69
C THR F 99 -7.06 33.60 -18.27
N LYS F 100 -8.13 33.21 -17.57
CA LYS F 100 -9.16 34.17 -17.19
C LYS F 100 -8.62 35.22 -16.22
N LEU F 101 -7.67 34.83 -15.37
CA LEU F 101 -7.04 35.81 -14.48
C LEU F 101 -6.20 36.80 -15.26
N LYS F 102 -5.31 36.31 -16.12
CA LYS F 102 -4.45 37.19 -16.90
C LYS F 102 -5.24 38.01 -17.92
N ASP F 103 -6.38 37.49 -18.38
CA ASP F 103 -7.22 38.20 -19.34
C ASP F 103 -8.08 39.27 -18.69
N ASN F 104 -7.81 39.60 -17.42
CA ASN F 104 -8.57 40.58 -16.66
C ASN F 104 -7.66 41.54 -15.91
N HIS F 105 -6.47 41.81 -16.48
CA HIS F 105 -5.53 42.74 -15.86
C HIS F 105 -6.17 44.08 -15.56
N ALA F 106 -6.94 44.62 -16.51
CA ALA F 106 -7.52 45.96 -16.39
C ALA F 106 -8.33 46.13 -15.12
N GLN F 107 -8.71 45.05 -14.45
CA GLN F 107 -9.38 45.11 -13.16
C GLN F 107 -8.65 44.33 -12.06
N LEU F 108 -7.64 43.54 -12.41
CA LEU F 108 -6.82 42.82 -11.44
C LEU F 108 -5.36 43.23 -11.45
N GLY F 109 -4.91 44.02 -12.42
CA GLY F 109 -3.52 44.39 -12.58
C GLY F 109 -3.19 45.87 -12.47
N ILE F 110 -3.81 46.60 -11.55
CA ILE F 110 -3.57 48.03 -11.42
C ILE F 110 -3.23 48.38 -9.97
N GLN F 111 -2.71 49.59 -9.79
CA GLN F 111 -2.49 50.14 -8.46
C GLN F 111 -3.82 50.26 -7.74
N GLY F 112 -3.92 49.61 -6.59
CA GLY F 112 -5.15 49.60 -5.82
C GLY F 112 -6.23 48.76 -6.46
N VAL F 113 -5.89 47.50 -6.75
CA VAL F 113 -6.89 46.54 -7.23
C VAL F 113 -8.02 46.48 -6.22
N THR F 114 -9.23 46.80 -6.68
CA THR F 114 -10.36 46.88 -5.78
C THR F 114 -10.73 45.51 -5.22
N ASP F 115 -11.46 45.52 -4.11
CA ASP F 115 -11.94 44.28 -3.52
C ASP F 115 -12.97 43.59 -4.40
N GLU F 116 -13.92 44.37 -4.94
CA GLU F 116 -15.03 43.81 -5.68
C GLU F 116 -14.56 42.90 -6.82
N ASN F 117 -13.68 43.41 -7.68
CA ASN F 117 -13.17 42.58 -8.77
C ASN F 117 -12.14 41.55 -8.29
N ALA F 118 -11.57 41.75 -7.11
CA ALA F 118 -10.74 40.70 -6.52
C ALA F 118 -11.57 39.47 -6.18
N LYS F 119 -12.68 39.68 -5.46
CA LYS F 119 -13.56 38.57 -5.11
C LYS F 119 -14.13 37.87 -6.34
N LYS F 120 -14.23 38.59 -7.47
CA LYS F 120 -14.72 37.99 -8.70
C LYS F 120 -13.73 37.03 -9.33
N ALA F 121 -12.56 36.83 -8.72
CA ALA F 121 -11.51 36.06 -9.37
C ALA F 121 -11.03 34.86 -8.58
N ILE F 122 -10.99 34.94 -7.24
CA ILE F 122 -10.53 33.82 -6.42
C ILE F 122 -11.48 33.46 -5.30
N LEU F 123 -12.61 34.16 -5.16
CA LEU F 123 -13.58 33.88 -4.08
C LEU F 123 -14.71 33.03 -4.64
N LYS F 124 -14.70 31.74 -4.31
CA LYS F 124 -15.80 30.87 -4.72
C LYS F 124 -17.11 31.35 -4.09
N ALA F 125 -18.21 31.08 -4.80
CA ALA F 125 -19.57 31.46 -4.40
C ALA F 125 -19.78 32.97 -4.33
N ASN F 126 -18.82 33.77 -4.80
CA ASN F 126 -18.98 35.21 -4.86
C ASN F 126 -20.23 35.57 -5.65
N ALA F 127 -21.14 36.34 -5.02
CA ALA F 127 -22.45 36.56 -5.61
C ALA F 127 -22.37 37.42 -6.88
N ALA F 128 -21.38 38.30 -6.97
CA ALA F 128 -21.23 39.15 -8.15
C ALA F 128 -20.16 38.60 -9.09
N LYS F 130 -18.44 35.58 -9.94
CA LYS F 130 -17.89 34.55 -10.82
C LYS F 130 -17.36 35.15 -12.11
N ASP F 131 -17.59 36.46 -12.27
CA ASP F 131 -17.39 37.10 -13.58
C ASP F 131 -15.95 36.99 -14.04
N LYS F 132 -14.99 37.27 -13.15
CA LYS F 132 -13.61 37.49 -13.55
C LYS F 132 -12.67 36.38 -13.08
N GLY F 133 -13.14 35.13 -13.10
CA GLY F 133 -12.25 34.01 -12.95
C GLY F 133 -12.72 32.93 -11.97
N VAL F 134 -13.71 33.26 -11.14
CA VAL F 134 -14.15 32.33 -10.10
C VAL F 134 -14.78 31.08 -10.72
N GLU F 135 -15.59 31.27 -11.77
CA GLU F 135 -16.23 30.14 -12.44
C GLU F 135 -15.20 29.12 -12.89
N GLU F 136 -14.12 29.59 -13.54
CA GLU F 136 -13.06 28.70 -13.96
C GLU F 136 -12.37 28.03 -12.77
N LEU F 137 -12.40 28.68 -11.60
CA LEU F 137 -11.84 28.08 -10.40
C LEU F 137 -12.78 27.03 -9.82
N GLU F 138 -14.07 27.36 -9.72
CA GLU F 138 -15.07 26.38 -9.29
C GLU F 138 -15.05 25.14 -10.18
N LYS F 139 -15.07 25.35 -11.50
CA LYS F 139 -14.96 24.25 -12.44
C LYS F 139 -13.65 23.48 -12.25
N LEU F 140 -12.58 24.18 -11.86
CA LEU F 140 -11.31 23.51 -11.61
C LEU F 140 -11.34 22.72 -10.31
N SER F 141 -12.12 23.18 -9.32
CA SER F 141 -12.26 22.42 -8.08
C SER F 141 -12.99 21.11 -8.32
N GLY F 142 -14.08 21.15 -9.09
CA GLY F 142 -14.78 19.92 -9.44
C GLY F 142 -13.93 18.97 -10.26
N SER F 143 -13.14 19.52 -11.20
CA SER F 143 -12.30 18.69 -12.04
C SER F 143 -11.23 17.96 -11.24
N LEU F 144 -10.70 18.59 -10.19
CA LEU F 144 -9.72 17.94 -9.34
C LEU F 144 -10.35 16.93 -8.39
N GLU F 145 -11.65 17.05 -8.13
CA GLU F 145 -12.35 16.04 -7.34
C GLU F 145 -12.46 14.74 -8.12
N SER F 146 -13.01 14.79 -9.33
CA SER F 146 -13.11 13.61 -10.18
C SER F 146 -11.76 12.93 -10.36
N LEU F 147 -10.68 13.71 -10.43
CA LEU F 147 -9.35 13.12 -10.59
C LEU F 147 -8.84 12.54 -9.27
N SER F 148 -9.10 13.22 -8.15
CA SER F 148 -8.74 12.67 -6.84
C SER F 148 -9.46 11.35 -6.58
N LYS F 149 -10.76 11.31 -6.88
CA LYS F 149 -11.53 10.08 -6.69
C LYS F 149 -11.03 8.98 -7.62
N ALA F 150 -10.71 9.33 -8.87
CA ALA F 150 -10.17 8.35 -9.80
C ALA F 150 -8.86 7.77 -9.29
N ALA F 151 -7.96 8.62 -8.79
CA ALA F 151 -6.69 8.14 -8.25
C ALA F 151 -6.84 7.57 -6.84
N LYS F 152 -7.90 7.95 -6.12
CA LYS F 152 -8.25 7.25 -4.89
C LYS F 152 -8.66 5.82 -5.19
N GLU F 153 -9.58 5.64 -6.14
CA GLU F 153 -10.05 4.31 -6.51
C GLU F 153 -8.94 3.50 -7.17
N MET F 154 -8.09 4.16 -7.97
CA MET F 154 -6.99 3.46 -8.63
C MET F 154 -6.07 2.79 -7.61
N LEU F 155 -5.79 3.47 -6.49
CA LEU F 155 -4.93 2.89 -5.47
C LEU F 155 -5.68 1.86 -4.62
N ALA F 156 -6.96 2.13 -4.33
CA ALA F 156 -7.78 1.15 -3.63
C ALA F 156 -7.88 -0.15 -4.39
N ASN F 157 -7.76 -0.10 -5.73
CA ASN F 157 -7.84 -1.32 -6.53
C ASN F 157 -6.58 -2.16 -6.40
N SER F 158 -5.42 -1.53 -6.24
CA SER F 158 -4.18 -2.27 -6.10
C SER F 158 -4.03 -2.89 -4.72
N VAL F 159 -4.64 -2.27 -3.70
CA VAL F 159 -4.70 -2.89 -2.39
C VAL F 159 -5.67 -4.06 -2.39
N LYS F 160 -6.77 -3.93 -3.13
CA LYS F 160 -7.75 -5.02 -3.21
C LYS F 160 -7.17 -6.25 -3.89
N GLU F 161 -6.15 -6.07 -4.74
CA GLU F 161 -5.51 -7.21 -5.38
C GLU F 161 -4.82 -8.11 -4.37
N LEU F 162 -4.37 -7.53 -3.25
CA LEU F 162 -3.73 -8.32 -2.19
C LEU F 162 -4.63 -9.46 -1.73
N THR F 163 -5.87 -9.15 -1.38
CA THR F 163 -6.73 -10.09 -0.67
C THR F 163 -7.66 -10.90 -1.56
N SER F 164 -7.93 -10.44 -2.78
CA SER F 164 -8.89 -11.13 -3.63
C SER F 164 -8.34 -12.50 -4.03
N PRO F 165 -9.05 -13.60 -3.73
CA PRO F 165 -8.56 -14.96 -4.04
C PRO F 165 -8.57 -15.25 -5.54
#